data_9IKB
#
_entry.id   9IKB
#
_cell.length_a   107.445
_cell.length_b   107.445
_cell.length_c   255.397
_cell.angle_alpha   90.00
_cell.angle_beta   90.00
_cell.angle_gamma   90.00
#
_symmetry.space_group_name_H-M   'P 43 21 2'
#
loop_
_entity.id
_entity.type
_entity.pdbx_description
1 polymer 'Kinesin-like protein'
2 polymer 'Kinesin-like protein klp-20'
3 polymer 'Kinesin-associated protein'
#
loop_
_entity_poly.entity_id
_entity_poly.type
_entity_poly.pdbx_seq_one_letter_code
_entity_poly.pdbx_strand_id
1 'polypeptide(L)'
;HHHHSQDGGAYSDERQDLDQTIAEVSKELKLKLLIVENFIPRDVSERIKERAEWNEDSFEWNVNAFQSTSSNSSTPLNNT
IEVNEDGVFTRSSGADSGVSVSGGNGTPATSQFLDKRLVATPGCRRPMSMCERMLVETAREQFGAQRRPPISGSGSFVEA
TIPEETIRFCGENVVVFSALERFVPEVTDSDPSTFSNSMMMSARRPSIENLTIDASKVLVPILNQSTMILKNSKNGQARN
DTMPPNGSMRRSQN
;
B
2 'polypeptide(L)'
;EDHQRQVEAMLDDIRQLRKELLLNIAIIDEYIPVEHVELIEKYVSWSEEHGDWQLKAIAYTGNNMRASAPPAKKEFSNNN
QTVPMYYSYRADLGASTAEHRPRTSSKKHRASIRLQQLLT
;
C
3 'polypeptide(L)'
;ELGKIDEYIECFYGETSVEKNKGAVALYELSKNPQNLTQLVNNETLMMALARVFREDWKKHFEVGTNIMNLFVNISKFSC
LHGILLHHKIGTLCVNAMEHETKRYDFWIAEMKKTDQETLRKLKTAIRKQAMLLAACVTFLTNLATDISVELKMVRRNLV
ALLVKCLQMSSESTSSLTTATIKFLLKLSIFDENKIVMEQNGTIEKLLKLFPIQDPELRKAVIMLLFNFSFDSKNLPKMV
NGGLVPHMASLLDSDTKALNMMYLLSCNDDAKAMLAYTDAIKLLMKDVLSGTGSEVTKAVLLNICLEKRNAQLVCGQRGQ
GLDLLMEMSINSRDLMLIKVVRAISSHEGATQNMFLKWIETLIGIAKNEGADNSESKSSFGLECMGTVAELKVAPWAKII
QSENLVPWMKTQLQEGIDESEEVTVLRDIKPLQLQIVIACGTMARQLDAARLLAPLIDTFVQLLQSCQIDDEFVVQLLYV
FLQFLKHKELSARLMTQDSALGAHMIDLMHDANAVVREVCDNALLIMGEHSKEWAKRIAGERFKWHNAQWLEMVERDDSE
FVDYDDEDFGADLKFDHYDDGFDMNEPLF
;
G
#
# COMPACT_ATOMS: atom_id res chain seq x y z
N HIS A 1 33.52 -60.63 -27.00
CA HIS A 1 32.26 -60.64 -26.25
C HIS A 1 31.47 -59.36 -26.49
N HIS A 2 32.10 -58.23 -26.19
CA HIS A 2 31.47 -56.93 -26.38
C HIS A 2 31.39 -56.57 -27.86
N HIS A 3 30.41 -55.72 -28.19
CA HIS A 3 30.26 -55.22 -29.55
C HIS A 3 31.15 -54.02 -29.80
N HIS A 4 30.74 -53.11 -30.69
CA HIS A 4 31.58 -51.97 -31.05
C HIS A 4 30.73 -50.87 -31.64
N SER A 5 31.28 -49.67 -31.64
CA SER A 5 30.59 -48.50 -32.19
C SER A 5 31.65 -47.55 -32.75
N GLN A 6 31.25 -46.30 -32.97
CA GLN A 6 32.13 -45.30 -33.57
C GLN A 6 32.31 -44.03 -32.74
N ASP A 7 31.46 -43.77 -31.73
CA ASP A 7 31.56 -42.58 -30.88
C ASP A 7 31.44 -41.32 -31.73
N GLY A 8 32.41 -40.41 -31.67
CA GLY A 8 32.31 -39.18 -32.42
C GLY A 8 33.61 -38.68 -33.04
N GLY A 9 34.21 -39.51 -33.87
CA GLY A 9 35.47 -39.17 -34.53
C GLY A 9 36.38 -40.37 -34.61
N ALA A 10 37.23 -40.38 -35.65
CA ALA A 10 38.20 -41.46 -35.86
C ALA A 10 39.59 -40.90 -35.60
N TYR A 11 40.04 -41.05 -34.36
CA TYR A 11 41.39 -40.68 -33.96
C TYR A 11 42.30 -41.91 -33.95
N SER A 12 43.59 -41.66 -34.10
CA SER A 12 44.60 -42.71 -34.04
C SER A 12 44.83 -43.14 -32.60
N ASP A 13 45.56 -44.24 -32.44
CA ASP A 13 45.85 -44.77 -31.11
C ASP A 13 47.34 -44.77 -30.81
N GLU A 14 48.00 -43.64 -31.08
CA GLU A 14 49.42 -43.46 -30.78
C GLU A 14 49.58 -42.72 -29.45
N ARG A 15 50.74 -42.96 -28.82
CA ARG A 15 51.03 -42.35 -27.52
C ARG A 15 51.32 -40.85 -27.63
N GLN A 16 51.66 -40.36 -28.82
CA GLN A 16 52.00 -38.95 -29.01
C GLN A 16 50.99 -38.18 -29.82
N ASP A 17 50.40 -38.79 -30.84
CA ASP A 17 49.41 -38.09 -31.67
C ASP A 17 48.17 -37.73 -30.87
N LEU A 18 47.72 -38.62 -29.99
CA LEU A 18 46.61 -38.29 -29.11
C LEU A 18 46.98 -37.16 -28.15
N ASP A 19 48.25 -37.11 -27.72
CA ASP A 19 48.69 -36.02 -26.86
C ASP A 19 48.68 -34.70 -27.62
N GLN A 20 49.05 -34.72 -28.89
CA GLN A 20 48.99 -33.50 -29.70
C GLN A 20 47.54 -33.06 -29.92
N THR A 21 46.64 -34.02 -30.14
CA THR A 21 45.23 -33.66 -30.28
C THR A 21 44.67 -33.09 -28.98
N ILE A 22 45.12 -33.62 -27.84
CA ILE A 22 44.70 -33.07 -26.55
C ILE A 22 45.20 -31.64 -26.40
N ALA A 23 46.45 -31.40 -26.76
CA ALA A 23 47.00 -30.05 -26.64
C ALA A 23 46.26 -29.07 -27.55
N GLU A 24 45.90 -29.51 -28.76
CA GLU A 24 45.22 -28.61 -29.69
C GLU A 24 43.80 -28.29 -29.23
N VAL A 25 43.05 -29.32 -28.81
CA VAL A 25 41.68 -29.06 -28.36
C VAL A 25 41.68 -28.24 -27.08
N SER A 26 42.67 -28.43 -26.19
CA SER A 26 42.74 -27.57 -25.01
C SER A 26 43.11 -26.14 -25.37
N LYS A 27 43.98 -25.97 -26.36
CA LYS A 27 44.36 -24.62 -26.79
C LYS A 27 43.16 -23.88 -27.37
N GLU A 28 42.31 -24.58 -28.13
CA GLU A 28 41.10 -23.92 -28.64
C GLU A 28 40.07 -23.72 -27.54
N LEU A 29 39.98 -24.65 -26.60
CA LEU A 29 39.03 -24.53 -25.50
C LEU A 29 39.35 -23.34 -24.61
N LYS A 30 40.64 -23.01 -24.45
CA LYS A 30 41.00 -21.83 -23.67
C LYS A 30 40.41 -20.57 -24.30
N LEU A 31 40.57 -20.42 -25.62
CA LEU A 31 40.05 -19.25 -26.31
C LEU A 31 38.53 -19.21 -26.27
N LYS A 32 37.88 -20.35 -26.51
CA LYS A 32 36.42 -20.36 -26.48
C LYS A 32 35.90 -20.06 -25.08
N LEU A 33 36.61 -20.53 -24.04
CA LEU A 33 36.16 -20.29 -22.68
C LEU A 33 36.29 -18.83 -22.30
N LEU A 34 37.43 -18.21 -22.64
CA LEU A 34 37.56 -16.79 -22.33
C LEU A 34 36.59 -15.93 -23.15
N ILE A 35 36.29 -16.33 -24.39
CA ILE A 35 35.29 -15.58 -25.17
C ILE A 35 33.92 -15.73 -24.54
N VAL A 36 33.61 -16.90 -23.97
CA VAL A 36 32.36 -17.08 -23.24
C VAL A 36 32.36 -16.20 -22.00
N GLU A 37 33.53 -16.03 -21.38
CA GLU A 37 33.59 -15.32 -20.10
C GLU A 37 33.40 -13.82 -20.28
N ASN A 38 34.28 -13.19 -21.07
CA ASN A 38 34.32 -11.73 -21.08
C ASN A 38 33.16 -11.10 -21.84
N PHE A 39 32.68 -11.72 -22.92
CA PHE A 39 31.69 -11.07 -23.77
C PHE A 39 30.26 -11.45 -23.38
N ILE A 40 29.97 -12.75 -23.29
CA ILE A 40 28.61 -13.19 -22.96
C ILE A 40 28.33 -12.95 -21.49
N PRO A 41 27.21 -12.34 -21.13
CA PRO A 41 26.89 -12.11 -19.71
C PRO A 41 26.54 -13.41 -19.00
N ARG A 42 26.62 -13.35 -17.66
CA ARG A 42 26.29 -14.52 -16.86
C ARG A 42 24.85 -14.97 -17.08
N ASP A 43 23.94 -14.03 -17.30
CA ASP A 43 22.53 -14.39 -17.45
C ASP A 43 22.32 -15.22 -18.71
N VAL A 44 22.85 -14.76 -19.84
CA VAL A 44 22.64 -15.46 -21.10
C VAL A 44 23.34 -16.81 -21.09
N SER A 45 24.53 -16.87 -20.50
CA SER A 45 25.25 -18.14 -20.46
C SER A 45 24.55 -19.15 -19.57
N GLU A 46 24.07 -18.71 -18.40
CA GLU A 46 23.33 -19.62 -17.53
C GLU A 46 22.04 -20.10 -18.19
N ARG A 47 21.35 -19.20 -18.92
CA ARG A 47 20.11 -19.61 -19.56
C ARG A 47 20.36 -20.61 -20.68
N ILE A 48 21.40 -20.38 -21.50
CA ILE A 48 21.66 -21.29 -22.61
C ILE A 48 22.16 -22.63 -22.08
N LYS A 49 23.00 -22.62 -21.04
CA LYS A 49 23.48 -23.88 -20.48
C LYS A 49 22.39 -24.64 -19.73
N GLU A 50 21.37 -23.95 -19.21
CA GLU A 50 20.26 -24.66 -18.60
C GLU A 50 19.26 -25.16 -19.63
N ARG A 51 19.19 -24.51 -20.79
CA ARG A 51 18.30 -24.94 -21.87
C ARG A 51 19.01 -25.78 -22.93
N ALA A 52 20.18 -26.32 -22.60
CA ALA A 52 20.95 -27.16 -23.52
C ALA A 52 20.85 -28.63 -23.11
N GLU A 53 20.74 -29.51 -24.10
CA GLU A 53 20.65 -30.95 -23.87
C GLU A 53 21.77 -31.62 -24.64
N TRP A 54 22.71 -32.23 -23.90
CA TRP A 54 23.77 -33.01 -24.51
C TRP A 54 23.22 -34.30 -25.09
N ASN A 55 23.76 -34.73 -26.23
CA ASN A 55 23.36 -35.98 -26.86
C ASN A 55 24.37 -37.07 -26.52
N GLU A 56 23.86 -38.30 -26.35
CA GLU A 56 24.69 -39.47 -26.09
C GLU A 56 25.05 -40.25 -27.35
N ASP A 57 24.06 -40.59 -28.18
CA ASP A 57 24.34 -41.30 -29.41
C ASP A 57 25.17 -40.44 -30.36
N SER A 58 24.81 -39.17 -30.49
CA SER A 58 25.56 -38.21 -31.27
C SER A 58 26.41 -37.33 -30.35
N PHE A 59 27.35 -36.62 -30.96
CA PHE A 59 28.25 -35.71 -30.24
C PHE A 59 27.82 -34.28 -30.54
N GLU A 60 26.74 -33.84 -29.90
CA GLU A 60 26.22 -32.50 -30.14
C GLU A 60 25.29 -32.07 -29.01
N TRP A 61 25.19 -30.77 -28.84
CA TRP A 61 24.22 -30.15 -27.93
C TRP A 61 23.02 -29.64 -28.72
N ASN A 62 21.85 -29.73 -28.10
CA ASN A 62 20.61 -29.19 -28.65
C ASN A 62 20.11 -28.09 -27.72
N VAL A 63 20.11 -26.86 -28.22
CA VAL A 63 19.69 -25.69 -27.45
C VAL A 63 18.32 -25.28 -27.95
N ASN A 64 17.28 -25.71 -27.25
CA ASN A 64 15.90 -25.37 -27.62
C ASN A 64 15.45 -24.09 -26.94
N LYS A 116 0.28 -14.31 -22.28
CA LYS A 116 0.66 -14.64 -20.92
C LYS A 116 -0.16 -13.85 -19.91
N ARG A 117 0.30 -12.63 -19.59
CA ARG A 117 -0.40 -11.76 -18.67
C ARG A 117 -0.06 -10.31 -19.00
N LEU A 118 -1.04 -9.42 -18.82
CA LEU A 118 -0.81 -8.00 -19.06
C LEU A 118 0.20 -7.47 -18.06
N VAL A 119 1.12 -6.63 -18.55
CA VAL A 119 2.18 -6.05 -17.74
C VAL A 119 1.84 -4.58 -17.47
N ALA A 120 2.74 -3.86 -16.80
CA ALA A 120 2.42 -2.50 -16.36
C ALA A 120 3.71 -1.75 -16.02
N THR A 121 3.53 -0.51 -15.59
CA THR A 121 4.55 0.38 -15.06
C THR A 121 4.93 -0.04 -13.65
N PRO A 122 6.11 0.36 -13.15
CA PRO A 122 6.62 -0.19 -11.88
C PRO A 122 5.85 0.22 -10.64
N GLY A 123 4.74 0.96 -10.75
CA GLY A 123 4.07 1.42 -9.54
C GLY A 123 2.68 0.89 -9.28
N CYS A 124 1.76 1.15 -10.20
CA CYS A 124 0.33 0.88 -10.04
C CYS A 124 -0.03 -0.59 -10.28
N ARG A 125 -1.15 -0.99 -9.67
CA ARG A 125 -1.71 -2.32 -9.86
C ARG A 125 -2.25 -2.49 -11.28
N ARG A 126 -3.31 -1.76 -11.62
CA ARG A 126 -3.86 -1.76 -12.96
C ARG A 126 -3.05 -0.84 -13.87
N PRO A 127 -3.04 -1.10 -15.18
CA PRO A 127 -2.33 -0.20 -16.10
C PRO A 127 -3.04 1.12 -16.32
N MET A 128 -2.58 2.18 -15.66
CA MET A 128 -3.10 3.52 -15.87
C MET A 128 -2.09 4.34 -16.66
N SER A 129 -2.60 5.25 -17.49
CA SER A 129 -1.78 5.98 -18.44
C SER A 129 -0.94 7.04 -17.73
N MET A 130 -0.17 7.80 -18.52
CA MET A 130 0.72 8.82 -17.96
C MET A 130 -0.02 10.10 -17.61
N CYS A 131 -0.95 10.55 -18.45
CA CYS A 131 -1.70 11.76 -18.10
C CYS A 131 -2.54 11.53 -16.86
N GLU A 132 -3.08 10.32 -16.72
CA GLU A 132 -3.87 9.98 -15.55
C GLU A 132 -3.04 10.10 -14.27
N ARG A 133 -1.88 9.44 -14.23
CA ARG A 133 -1.04 9.49 -13.05
C ARG A 133 -0.47 10.88 -12.82
N MET A 134 -0.20 11.65 -13.88
CA MET A 134 0.31 13.00 -13.68
C MET A 134 -0.76 13.91 -13.08
N LEU A 135 -2.00 13.80 -13.56
CA LEU A 135 -3.07 14.57 -12.95
C LEU A 135 -3.28 14.13 -11.51
N VAL A 136 -3.12 12.83 -11.23
CA VAL A 136 -3.28 12.37 -9.85
C VAL A 136 -2.17 12.93 -8.96
N GLU A 137 -0.95 13.04 -9.49
CA GLU A 137 0.15 13.54 -8.68
C GLU A 137 -0.02 15.03 -8.39
N THR A 138 -0.44 15.80 -9.40
CA THR A 138 -0.69 17.22 -9.15
C THR A 138 -1.86 17.40 -8.17
N ALA A 139 -2.87 16.53 -8.25
CA ALA A 139 -3.99 16.63 -7.31
C ALA A 139 -3.55 16.30 -5.89
N ARG A 140 -2.65 15.32 -5.73
CA ARG A 140 -2.13 15.04 -4.39
C ARG A 140 -1.27 16.18 -3.86
N GLU A 141 -0.55 16.88 -4.75
CA GLU A 141 0.16 18.07 -4.30
C GLU A 141 -0.81 19.14 -3.83
N GLN A 142 -1.93 19.31 -4.55
CA GLN A 142 -2.95 20.25 -4.10
C GLN A 142 -3.54 19.83 -2.76
N PHE A 143 -3.75 18.52 -2.55
CA PHE A 143 -4.28 18.05 -1.28
C PHE A 143 -3.30 18.27 -0.15
N GLY A 144 -2.00 18.18 -0.43
CA GLY A 144 -1.00 18.44 0.59
C GLY A 144 -0.78 19.92 0.85
N ALA A 145 -1.25 20.78 -0.05
CA ALA A 145 -1.18 22.22 0.15
C ALA A 145 -2.36 22.77 0.94
N GLN A 146 -3.28 21.92 1.43
CA GLN A 146 -4.43 22.42 2.15
C GLN A 146 -4.08 22.89 3.56
N ARG A 147 -4.87 23.85 4.06
CA ARG A 147 -4.69 24.38 5.41
C ARG A 147 -5.52 23.58 6.40
N ARG A 148 -4.91 23.20 7.52
CA ARG A 148 -5.58 22.39 8.51
C ARG A 148 -6.57 23.22 9.32
N PRO A 149 -7.63 22.58 9.85
CA PRO A 149 -8.61 23.31 10.66
C PRO A 149 -7.98 23.83 11.95
N PRO A 150 -8.51 24.92 12.49
CA PRO A 150 -7.93 25.50 13.72
C PRO A 150 -8.08 24.58 14.92
N ILE A 151 -7.15 24.73 15.86
CA ILE A 151 -7.16 23.91 17.08
C ILE A 151 -8.45 24.15 17.86
N SER A 152 -8.94 25.39 17.89
CA SER A 152 -10.13 25.75 18.66
C SER A 152 -11.19 26.21 17.67
N GLY A 153 -11.88 25.24 17.08
CA GLY A 153 -12.97 25.52 16.16
C GLY A 153 -13.87 24.32 16.03
N SER A 154 -15.11 24.58 15.64
CA SER A 154 -16.15 23.55 15.57
C SER A 154 -15.97 22.76 14.29
N GLY A 155 -15.24 21.65 14.39
CA GLY A 155 -14.99 20.81 13.24
C GLY A 155 -15.30 19.35 13.52
N SER A 156 -16.50 19.07 14.04
CA SER A 156 -16.88 17.69 14.35
C SER A 156 -17.03 16.83 13.10
N PHE A 157 -17.50 17.43 12.00
CA PHE A 157 -17.85 16.65 10.82
C PHE A 157 -16.60 16.31 10.02
N VAL A 158 -16.15 15.07 10.13
CA VAL A 158 -15.00 14.62 9.35
C VAL A 158 -15.35 14.55 7.87
N GLU A 159 -16.63 14.34 7.54
CA GLU A 159 -17.13 14.28 6.16
C GLU A 159 -16.49 13.17 5.34
N ALA A 160 -15.18 13.29 5.07
CA ALA A 160 -14.44 12.35 4.23
C ALA A 160 -15.06 12.26 2.83
N THR A 161 -14.93 13.37 2.11
CA THR A 161 -15.42 13.46 0.74
C THR A 161 -14.52 12.69 -0.21
N ILE A 162 -15.10 12.25 -1.33
CA ILE A 162 -14.36 11.61 -2.41
C ILE A 162 -14.06 12.67 -3.46
N PRO A 163 -12.80 13.08 -3.64
CA PRO A 163 -12.48 14.05 -4.70
C PRO A 163 -12.74 13.49 -6.08
N GLU A 164 -13.17 14.39 -6.98
CA GLU A 164 -13.36 14.00 -8.37
C GLU A 164 -12.06 13.58 -9.01
N GLU A 165 -10.94 14.18 -8.59
CA GLU A 165 -9.64 13.85 -9.17
C GLU A 165 -9.27 12.39 -8.90
N THR A 166 -9.72 11.82 -7.79
CA THR A 166 -9.48 10.41 -7.51
C THR A 166 -10.57 9.52 -8.08
N ILE A 167 -11.83 9.95 -8.03
CA ILE A 167 -12.87 9.09 -8.58
C ILE A 167 -12.75 8.96 -10.09
N ARG A 168 -12.11 9.90 -10.77
CA ARG A 168 -11.98 9.80 -12.21
C ARG A 168 -10.76 9.01 -12.66
N PHE A 169 -9.68 9.02 -11.89
CA PHE A 169 -8.43 8.42 -12.32
C PHE A 169 -8.02 7.23 -11.45
N CYS A 170 -7.88 7.43 -10.15
CA CYS A 170 -7.47 6.36 -9.26
C CYS A 170 -8.53 5.26 -9.21
N GLY A 171 -8.07 4.02 -9.29
CA GLY A 171 -8.90 2.84 -9.13
C GLY A 171 -9.10 2.40 -7.70
N GLU A 172 -8.43 3.01 -6.73
CA GLU A 172 -8.49 2.58 -5.34
C GLU A 172 -8.10 3.75 -4.44
N ASN A 173 -8.48 3.63 -3.17
CA ASN A 173 -8.17 4.64 -2.15
C ASN A 173 -8.70 6.02 -2.56
N VAL A 174 -10.00 6.05 -2.87
CA VAL A 174 -10.61 7.28 -3.37
C VAL A 174 -10.95 8.25 -2.24
N VAL A 175 -11.41 7.73 -1.10
CA VAL A 175 -11.77 8.60 0.02
C VAL A 175 -10.54 9.31 0.55
N VAL A 176 -10.65 10.61 0.79
CA VAL A 176 -9.59 11.42 1.38
C VAL A 176 -10.17 12.16 2.57
N PHE A 177 -9.70 11.84 3.77
CA PHE A 177 -10.21 12.48 4.97
C PHE A 177 -9.68 13.91 5.09
N SER A 178 -10.48 14.76 5.73
CA SER A 178 -10.18 16.19 5.83
C SER A 178 -9.43 16.54 7.11
N ALA A 179 -9.84 15.99 8.25
CA ALA A 179 -9.24 16.37 9.52
C ALA A 179 -9.27 15.18 10.47
N LEU A 180 -8.48 15.28 11.53
CA LEU A 180 -8.46 14.28 12.58
C LEU A 180 -9.66 14.40 13.50
N GLU A 181 -10.04 13.28 14.11
CA GLU A 181 -11.02 13.31 15.19
C GLU A 181 -10.43 14.00 16.41
N ARG A 182 -11.23 14.82 17.07
CA ARG A 182 -10.79 15.57 18.25
C ARG A 182 -11.88 15.54 19.30
N PHE A 183 -11.55 15.00 20.47
CA PHE A 183 -12.50 14.95 21.58
C PHE A 183 -12.77 16.35 22.12
N VAL A 184 -14.03 16.61 22.45
CA VAL A 184 -14.47 17.91 22.96
C VAL A 184 -14.85 17.75 24.43
N PRO A 185 -14.19 18.45 25.35
CA PRO A 185 -14.62 18.44 26.75
C PRO A 185 -15.97 19.11 26.92
N GLU A 186 -16.70 18.68 27.95
CA GLU A 186 -17.99 19.27 28.32
C GLU A 186 -17.74 20.48 29.22
N VAL A 187 -17.51 21.63 28.59
CA VAL A 187 -17.28 22.88 29.31
C VAL A 187 -18.03 23.99 28.61
N THR A 188 -18.40 25.03 29.38
CA THR A 188 -19.20 26.12 28.85
C THR A 188 -18.78 27.42 29.55
N ASP A 189 -19.16 28.54 28.94
CA ASP A 189 -18.92 29.87 29.49
C ASP A 189 -20.27 30.53 29.78
N SER A 190 -20.97 30.05 30.81
CA SER A 190 -22.36 30.46 31.01
C SER A 190 -22.71 30.98 32.40
N ASP A 191 -21.75 31.12 33.33
CA ASP A 191 -22.03 31.78 34.60
C ASP A 191 -23.15 31.05 35.34
N PRO A 192 -23.83 31.66 36.36
CA PRO A 192 -25.05 31.02 36.85
C PRO A 192 -26.17 30.97 35.81
N SER A 193 -26.32 29.82 35.17
CA SER A 193 -27.40 29.52 34.21
C SER A 193 -27.84 30.71 33.35
N ARG B 5 42.62 -50.73 -20.15
CA ARG B 5 43.53 -49.78 -19.53
C ARG B 5 44.65 -49.39 -20.49
N GLN B 6 44.48 -49.73 -21.77
CA GLN B 6 45.45 -49.38 -22.79
C GLN B 6 45.36 -47.89 -23.13
N VAL B 7 44.35 -47.51 -23.89
CA VAL B 7 44.11 -46.11 -24.22
C VAL B 7 42.68 -45.76 -23.83
N GLU B 8 42.46 -45.46 -22.55
CA GLU B 8 41.16 -45.03 -22.06
C GLU B 8 41.16 -43.59 -21.59
N ALA B 9 42.12 -43.20 -20.74
CA ALA B 9 42.21 -41.81 -20.32
C ALA B 9 42.59 -40.90 -21.47
N MET B 10 43.41 -41.38 -22.41
CA MET B 10 43.86 -40.52 -23.50
C MET B 10 42.72 -40.13 -24.43
N LEU B 11 41.70 -40.98 -24.56
CA LEU B 11 40.52 -40.59 -25.33
C LEU B 11 39.43 -39.99 -24.45
N ASP B 12 39.39 -40.33 -23.15
CA ASP B 12 38.43 -39.69 -22.25
C ASP B 12 38.73 -38.20 -22.09
N ASP B 13 40.01 -37.82 -22.10
CA ASP B 13 40.34 -36.41 -22.07
C ASP B 13 39.85 -35.71 -23.33
N ILE B 14 40.02 -36.35 -24.49
CA ILE B 14 39.54 -35.77 -25.74
C ILE B 14 38.02 -35.66 -25.73
N ARG B 15 37.34 -36.65 -25.15
CA ARG B 15 35.88 -36.61 -25.12
C ARG B 15 35.38 -35.48 -24.24
N GLN B 16 35.95 -35.35 -23.04
CA GLN B 16 35.52 -34.27 -22.15
C GLN B 16 35.84 -32.90 -22.72
N LEU B 17 37.05 -32.75 -23.28
CA LEU B 17 37.43 -31.44 -23.81
C LEU B 17 36.60 -31.09 -25.04
N ARG B 18 36.31 -32.07 -25.91
CA ARG B 18 35.45 -31.80 -27.05
C ARG B 18 34.02 -31.50 -26.62
N LYS B 19 33.54 -32.12 -25.54
CA LYS B 19 32.19 -31.81 -25.06
C LYS B 19 32.13 -30.38 -24.56
N GLU B 20 33.12 -29.96 -23.76
CA GLU B 20 33.14 -28.58 -23.28
C GLU B 20 33.31 -27.60 -24.44
N LEU B 21 34.10 -27.98 -25.44
CA LEU B 21 34.33 -27.11 -26.59
C LEU B 21 33.07 -26.96 -27.42
N LEU B 22 32.34 -28.06 -27.64
CA LEU B 22 31.08 -27.97 -28.38
C LEU B 22 30.06 -27.16 -27.62
N LEU B 23 30.05 -27.25 -26.29
CA LEU B 23 29.12 -26.44 -25.51
C LEU B 23 29.44 -24.95 -25.65
N ASN B 24 30.72 -24.60 -25.53
CA ASN B 24 31.11 -23.20 -25.65
C ASN B 24 30.88 -22.68 -27.07
N ILE B 25 31.15 -23.51 -28.08
CA ILE B 25 30.94 -23.08 -29.46
C ILE B 25 29.44 -22.89 -29.72
N ALA B 26 28.61 -23.75 -29.14
CA ALA B 26 27.17 -23.60 -29.33
C ALA B 26 26.66 -22.32 -28.69
N ILE B 27 27.12 -22.03 -27.46
CA ILE B 27 26.61 -20.83 -26.81
C ILE B 27 27.13 -19.56 -27.49
N ILE B 28 28.38 -19.57 -27.99
CA ILE B 28 28.87 -18.37 -28.66
C ILE B 28 28.20 -18.20 -30.03
N ASP B 29 27.89 -19.30 -30.72
CA ASP B 29 27.12 -19.19 -31.95
C ASP B 29 25.70 -18.72 -31.68
N GLU B 30 25.16 -19.06 -30.50
CA GLU B 30 23.84 -18.60 -30.11
C GLU B 30 23.84 -17.10 -29.81
N TYR B 31 24.93 -16.59 -29.23
CA TYR B 31 24.92 -15.18 -28.82
C TYR B 31 25.54 -14.27 -29.87
N ILE B 32 26.87 -14.26 -29.98
CA ILE B 32 27.57 -13.33 -30.87
C ILE B 32 27.35 -13.74 -32.32
N PRO B 33 27.35 -12.77 -33.26
CA PRO B 33 27.08 -13.10 -34.67
C PRO B 33 28.28 -13.70 -35.39
N VAL B 34 28.18 -13.79 -36.72
CA VAL B 34 29.24 -14.41 -37.51
C VAL B 34 30.35 -13.41 -37.85
N GLU B 35 30.05 -12.12 -37.91
CA GLU B 35 31.08 -11.14 -38.21
C GLU B 35 31.89 -10.77 -36.97
N HIS B 36 31.21 -10.62 -35.83
CA HIS B 36 31.92 -10.23 -34.61
C HIS B 36 32.86 -11.32 -34.12
N VAL B 37 32.53 -12.60 -34.35
CA VAL B 37 33.47 -13.66 -33.97
C VAL B 37 34.73 -13.59 -34.83
N GLU B 38 34.59 -13.25 -36.11
CA GLU B 38 35.76 -13.04 -36.95
C GLU B 38 36.54 -11.81 -36.51
N LEU B 39 35.85 -10.79 -36.00
CA LEU B 39 36.55 -9.62 -35.49
C LEU B 39 37.35 -9.97 -34.23
N ILE B 40 36.77 -10.76 -33.33
CA ILE B 40 37.47 -11.19 -32.13
C ILE B 40 38.64 -12.10 -32.49
N GLU B 41 38.51 -12.85 -33.59
CA GLU B 41 39.54 -13.82 -33.94
C GLU B 41 40.88 -13.17 -34.24
N LYS B 42 40.87 -11.92 -34.72
CA LYS B 42 42.08 -11.21 -35.10
C LYS B 42 42.53 -10.19 -34.05
N TYR B 43 42.02 -10.29 -32.83
CA TYR B 43 42.43 -9.40 -31.74
C TYR B 43 42.67 -10.21 -30.47
N VAL B 44 43.44 -11.30 -30.59
CA VAL B 44 43.77 -12.15 -29.45
C VAL B 44 45.12 -12.79 -29.72
N SER B 45 45.87 -13.03 -28.65
CA SER B 45 47.24 -13.53 -28.78
C SER B 45 47.46 -14.71 -27.84
N TRP B 46 47.81 -15.86 -28.42
CA TRP B 46 48.13 -17.06 -27.65
C TRP B 46 49.52 -16.94 -27.02
N SER B 47 49.69 -17.56 -25.85
CA SER B 47 50.97 -17.55 -25.15
C SER B 47 51.41 -18.98 -24.88
N GLU B 48 52.63 -19.32 -25.31
CA GLU B 48 53.15 -20.66 -25.08
C GLU B 48 53.75 -20.83 -23.68
N GLU B 49 54.22 -19.74 -23.07
CA GLU B 49 54.77 -19.81 -21.71
C GLU B 49 53.74 -19.54 -20.63
N HIS B 50 52.66 -18.84 -20.96
CA HIS B 50 51.57 -18.62 -20.02
C HIS B 50 50.49 -19.71 -20.09
N GLY B 51 50.26 -20.27 -21.28
CA GLY B 51 49.19 -21.23 -21.46
C GLY B 51 47.80 -20.64 -21.60
N ASP B 52 47.68 -19.41 -22.09
CA ASP B 52 46.37 -18.79 -22.26
C ASP B 52 46.47 -17.71 -23.34
N TRP B 53 45.32 -17.17 -23.70
CA TRP B 53 45.22 -16.09 -24.67
C TRP B 53 45.12 -14.74 -23.95
N GLN B 54 45.34 -13.67 -24.72
CA GLN B 54 45.33 -12.30 -24.21
C GLN B 54 44.61 -11.39 -25.18
N LEU B 55 43.86 -10.43 -24.62
CA LEU B 55 43.14 -9.42 -25.38
C LEU B 55 42.97 -8.18 -24.50
N LYS B 56 42.48 -7.10 -25.12
CA LYS B 56 42.28 -5.83 -24.42
C LYS B 56 40.94 -5.87 -23.69
N ALA B 57 40.96 -6.35 -22.45
CA ALA B 57 39.75 -6.49 -21.64
C ALA B 57 39.56 -5.29 -20.73
N ILE B 58 38.30 -4.90 -20.53
CA ILE B 58 37.95 -3.83 -19.60
C ILE B 58 36.46 -3.90 -19.27
N ALA B 59 36.13 -4.01 -17.98
CA ALA B 59 34.74 -4.07 -17.48
C ALA B 59 34.07 -5.30 -18.08
N TYR B 60 32.89 -5.16 -18.68
CA TYR B 60 32.13 -6.28 -19.27
C TYR B 60 31.80 -7.34 -18.23
N SER B 68 27.39 3.37 -15.16
CA SER B 68 27.47 2.55 -13.95
C SER B 68 26.14 1.86 -13.66
N ALA B 69 25.29 2.51 -12.86
CA ALA B 69 23.97 1.99 -12.58
C ALA B 69 23.02 3.13 -12.25
N PRO B 70 21.75 3.05 -12.64
CA PRO B 70 20.79 4.09 -12.24
C PRO B 70 20.61 4.10 -10.73
N PRO B 71 20.38 5.28 -10.13
CA PRO B 71 20.13 5.32 -8.69
C PRO B 71 18.85 4.61 -8.28
N ALA B 72 17.71 5.20 -8.64
CA ALA B 72 16.41 4.64 -8.32
C ALA B 72 15.36 5.28 -9.22
N LYS B 73 14.17 4.70 -9.23
CA LYS B 73 13.04 5.21 -9.99
C LYS B 73 11.93 5.64 -9.03
N LYS B 74 11.28 6.76 -9.35
CA LYS B 74 10.21 7.29 -8.53
C LYS B 74 8.93 6.54 -8.87
N GLU B 75 8.73 5.41 -8.20
CA GLU B 75 7.60 4.55 -8.47
C GLU B 75 6.30 5.21 -8.02
N PHE B 76 5.22 4.87 -8.73
CA PHE B 76 3.91 5.43 -8.43
C PHE B 76 3.40 4.97 -7.07
N SER B 77 2.63 5.83 -6.42
CA SER B 77 2.04 5.54 -5.12
C SER B 77 0.53 5.71 -5.19
N ASN B 78 -0.17 4.98 -4.32
CA ASN B 78 -1.63 5.05 -4.26
C ASN B 78 -2.14 5.67 -2.96
N ASN B 79 -1.27 6.32 -2.19
CA ASN B 79 -1.70 6.97 -0.94
C ASN B 79 -2.27 8.33 -1.29
N ASN B 80 -3.57 8.37 -1.57
CA ASN B 80 -4.26 9.63 -1.84
C ASN B 80 -4.43 10.47 -0.59
N GLN B 81 -4.23 9.89 0.59
CA GLN B 81 -4.33 10.62 1.86
C GLN B 81 -3.05 11.43 2.05
N THR B 82 -3.02 12.62 1.44
CA THR B 82 -1.87 13.51 1.55
C THR B 82 -2.21 14.80 2.29
N VAL B 83 -3.42 14.94 2.82
CA VAL B 83 -3.79 16.16 3.54
C VAL B 83 -3.03 16.22 4.86
N PRO B 84 -2.32 17.31 5.17
CA PRO B 84 -1.68 17.42 6.49
C PRO B 84 -2.72 17.41 7.59
N MET B 85 -2.38 16.78 8.72
CA MET B 85 -3.38 16.58 9.75
C MET B 85 -2.84 16.84 11.15
N TYR B 86 -1.68 16.27 11.47
CA TYR B 86 -1.13 16.43 12.80
C TYR B 86 -0.63 17.86 13.01
N TYR B 87 -0.83 18.36 14.23
CA TYR B 87 -0.38 19.67 14.65
C TYR B 87 0.93 19.53 15.43
N SER B 88 1.44 20.65 15.94
CA SER B 88 2.70 20.63 16.67
C SER B 88 2.76 21.80 17.64
N TYR B 89 3.10 21.51 18.89
CA TYR B 89 3.30 22.58 19.86
C TYR B 89 4.52 23.45 19.50
N ARG B 90 5.55 22.84 18.94
CA ARG B 90 6.77 23.57 18.61
C ARG B 90 6.68 24.29 17.28
N ALA B 91 5.64 24.06 16.50
CA ALA B 91 5.45 24.71 15.21
C ALA B 91 4.21 25.58 15.16
N ASP B 92 3.10 25.14 15.76
CA ASP B 92 1.88 25.93 15.75
C ASP B 92 1.74 26.82 16.98
N LEU B 93 2.34 26.44 18.10
CA LEU B 93 2.33 27.29 19.30
C LEU B 93 3.68 27.88 19.64
N GLY B 94 4.75 27.52 18.93
CA GLY B 94 6.01 28.18 19.15
C GLY B 94 6.64 27.93 20.51
N ALA B 95 6.53 26.71 21.03
CA ALA B 95 7.11 26.41 22.34
C ALA B 95 7.61 24.97 22.37
N SER B 96 8.77 24.77 23.00
CA SER B 96 9.33 23.43 23.13
C SER B 96 8.56 22.61 24.16
N THR B 97 8.55 21.30 23.95
CA THR B 97 7.85 20.37 24.83
C THR B 97 8.76 19.77 25.91
N ALA B 98 9.97 20.27 26.06
CA ALA B 98 10.90 19.74 27.05
C ALA B 98 11.04 20.69 28.25
N LEU C 2 -26.09 25.49 51.82
CA LEU C 2 -25.40 26.76 52.03
C LEU C 2 -25.60 27.24 53.46
N GLY C 3 -26.52 26.61 54.18
CA GLY C 3 -26.81 27.03 55.54
C GLY C 3 -25.79 26.60 56.57
N LYS C 4 -24.97 25.59 56.26
CA LYS C 4 -23.96 25.10 57.18
C LYS C 4 -22.66 24.81 56.44
N ILE C 5 -22.14 25.83 55.76
CA ILE C 5 -20.85 25.70 55.08
C ILE C 5 -19.72 25.67 56.09
N ASP C 6 -19.77 26.58 57.08
CA ASP C 6 -18.74 26.60 58.11
C ASP C 6 -18.78 25.33 58.95
N GLU C 7 -19.96 24.71 59.08
CA GLU C 7 -20.04 23.42 59.76
C GLU C 7 -19.27 22.36 58.99
N TYR C 8 -19.37 22.36 57.66
CA TYR C 8 -18.59 21.43 56.87
C TYR C 8 -17.11 21.73 56.94
N ILE C 9 -16.73 23.01 57.04
CA ILE C 9 -15.32 23.35 57.17
C ILE C 9 -14.77 22.85 58.52
N GLU C 10 -15.54 23.04 59.58
CA GLU C 10 -15.14 22.51 60.89
C GLU C 10 -15.10 21.00 60.90
N CYS C 11 -15.98 20.35 60.14
CA CYS C 11 -15.89 18.90 59.97
C CYS C 11 -14.61 18.50 59.24
N PHE C 12 -14.17 19.34 58.30
CA PHE C 12 -12.87 19.11 57.68
C PHE C 12 -11.74 19.30 58.70
N TYR C 13 -11.92 20.19 59.66
CA TYR C 13 -10.94 20.36 60.73
C TYR C 13 -10.99 19.24 61.77
N GLY C 14 -12.06 18.45 61.79
CA GLY C 14 -12.10 17.29 62.68
C GLY C 14 -11.19 16.18 62.16
N GLU C 15 -10.40 15.60 63.06
CA GLU C 15 -9.43 14.57 62.69
C GLU C 15 -10.05 13.17 62.79
N THR C 16 -11.09 12.97 61.97
CA THR C 16 -11.77 11.69 61.88
C THR C 16 -12.07 11.38 60.43
N SER C 17 -11.98 10.10 60.08
CA SER C 17 -12.14 9.69 58.69
C SER C 17 -13.55 9.96 58.18
N VAL C 18 -14.56 9.79 59.02
CA VAL C 18 -15.94 10.00 58.58
C VAL C 18 -16.40 11.45 58.80
N GLU C 19 -15.89 12.11 59.83
CA GLU C 19 -16.25 13.50 60.07
C GLU C 19 -15.80 14.38 58.92
N LYS C 20 -14.72 14.00 58.23
CA LYS C 20 -14.27 14.75 57.06
C LYS C 20 -15.11 14.40 55.82
N ASN C 21 -15.30 13.11 55.55
CA ASN C 21 -15.95 12.71 54.31
C ASN C 21 -17.44 13.03 54.31
N LYS C 22 -18.08 13.14 55.49
CA LYS C 22 -19.48 13.55 55.52
C LYS C 22 -19.63 14.99 55.03
N GLY C 23 -18.79 15.90 55.52
CA GLY C 23 -18.81 17.26 55.03
C GLY C 23 -18.34 17.35 53.60
N ALA C 24 -17.44 16.45 53.18
CA ALA C 24 -16.99 16.45 51.79
C ALA C 24 -18.12 16.07 50.84
N VAL C 25 -18.85 14.99 51.15
CA VAL C 25 -19.97 14.61 50.29
C VAL C 25 -21.09 15.63 50.35
N ALA C 26 -21.26 16.32 51.50
CA ALA C 26 -22.25 17.38 51.55
C ALA C 26 -21.85 18.55 50.65
N LEU C 27 -20.57 18.93 50.67
CA LEU C 27 -20.09 19.98 49.79
C LEU C 27 -20.19 19.57 48.33
N TYR C 28 -20.00 18.28 48.04
CA TYR C 28 -20.09 17.81 46.66
C TYR C 28 -21.54 17.86 46.15
N GLU C 29 -22.50 17.42 46.98
CA GLU C 29 -23.88 17.53 46.58
C GLU C 29 -24.36 18.98 46.54
N LEU C 30 -23.72 19.88 47.30
CA LEU C 30 -24.02 21.31 47.15
C LEU C 30 -23.48 21.86 45.83
N SER C 31 -22.28 21.44 45.44
CA SER C 31 -21.71 21.87 44.17
C SER C 31 -22.40 21.24 42.98
N LYS C 32 -23.21 20.20 43.22
CA LYS C 32 -23.97 19.57 42.15
C LYS C 32 -24.88 20.55 41.42
N ASN C 33 -25.30 21.65 42.06
CA ASN C 33 -26.05 22.64 41.29
C ASN C 33 -25.18 23.86 41.01
N PRO C 34 -25.36 24.50 39.84
CA PRO C 34 -24.45 25.59 39.45
C PRO C 34 -24.80 26.96 40.00
N GLN C 35 -25.91 27.10 40.73
CA GLN C 35 -26.32 28.43 41.19
C GLN C 35 -25.33 29.01 42.19
N ASN C 36 -24.96 28.22 43.21
CA ASN C 36 -24.03 28.64 44.24
C ASN C 36 -22.58 28.29 43.88
N LEU C 37 -22.33 27.77 42.69
CA LEU C 37 -20.97 27.38 42.31
C LEU C 37 -20.05 28.58 42.29
N THR C 38 -20.53 29.73 41.81
CA THR C 38 -19.72 30.94 41.84
C THR C 38 -19.50 31.42 43.29
N GLN C 39 -20.53 31.29 44.12
CA GLN C 39 -20.40 31.70 45.51
C GLN C 39 -19.38 30.85 46.26
N LEU C 40 -19.26 29.57 45.91
CA LEU C 40 -18.31 28.73 46.62
C LEU C 40 -16.91 28.81 46.02
N VAL C 41 -16.79 28.97 44.69
CA VAL C 41 -15.47 29.15 44.10
C VAL C 41 -14.89 30.50 44.51
N ASN C 42 -15.74 31.49 44.79
CA ASN C 42 -15.25 32.78 45.27
C ASN C 42 -14.98 32.79 46.76
N ASN C 43 -15.34 31.73 47.48
CA ASN C 43 -15.03 31.60 48.90
C ASN C 43 -13.57 31.21 49.04
N GLU C 44 -12.75 32.10 49.61
CA GLU C 44 -11.32 31.88 49.63
C GLU C 44 -10.94 30.82 50.65
N THR C 45 -11.50 30.90 51.86
CA THR C 45 -11.12 29.98 52.92
C THR C 45 -11.54 28.55 52.60
N LEU C 46 -12.58 28.38 51.78
CA LEU C 46 -13.06 27.04 51.46
C LEU C 46 -12.06 26.27 50.60
N MET C 47 -11.81 26.76 49.39
CA MET C 47 -11.00 26.00 48.44
C MET C 47 -9.58 25.80 48.94
N MET C 48 -9.05 26.74 49.73
CA MET C 48 -7.72 26.57 50.29
C MET C 48 -7.69 25.38 51.25
N ALA C 49 -8.69 25.28 52.14
CA ALA C 49 -8.79 24.12 53.01
C ALA C 49 -9.06 22.85 52.23
N LEU C 50 -9.78 22.94 51.12
CA LEU C 50 -10.03 21.76 50.29
C LEU C 50 -8.73 21.24 49.69
N ALA C 51 -7.92 22.13 49.13
CA ALA C 51 -6.64 21.72 48.57
C ALA C 51 -5.71 21.19 49.65
N ARG C 52 -5.74 21.81 50.84
CA ARG C 52 -4.85 21.36 51.91
C ARG C 52 -5.26 19.98 52.41
N VAL C 53 -6.57 19.73 52.55
CA VAL C 53 -7.01 18.41 52.97
C VAL C 53 -6.80 17.37 51.87
N PHE C 54 -6.80 17.77 50.60
CA PHE C 54 -6.39 16.85 49.55
C PHE C 54 -4.90 16.54 49.63
N ARG C 55 -4.09 17.51 50.08
CA ARG C 55 -2.65 17.25 50.23
C ARG C 55 -2.39 16.33 51.42
N GLU C 56 -3.10 16.56 52.53
CA GLU C 56 -2.82 15.84 53.78
C GLU C 56 -3.55 14.50 53.83
N ASP C 57 -4.86 14.53 54.08
CA ASP C 57 -5.65 13.31 54.24
C ASP C 57 -6.14 12.82 52.89
N TRP C 58 -5.27 12.08 52.20
CA TRP C 58 -5.62 11.52 50.90
C TRP C 58 -4.91 10.19 50.66
N LYS C 59 -3.69 10.06 51.18
CA LYS C 59 -2.94 8.81 51.00
C LYS C 59 -3.72 7.63 51.59
N LYS C 60 -4.16 7.76 52.84
CA LYS C 60 -4.95 6.73 53.50
C LYS C 60 -6.44 6.87 53.27
N HIS C 61 -6.90 7.97 52.68
CA HIS C 61 -8.33 8.27 52.58
C HIS C 61 -8.71 8.50 51.11
N PHE C 62 -9.16 7.43 50.45
CA PHE C 62 -9.81 7.58 49.15
C PHE C 62 -11.28 8.00 49.28
N GLU C 63 -11.86 7.89 50.47
CA GLU C 63 -13.26 8.27 50.68
C GLU C 63 -13.48 9.77 50.58
N VAL C 64 -12.46 10.58 50.86
CA VAL C 64 -12.60 12.03 50.80
C VAL C 64 -11.93 12.63 49.57
N GLY C 65 -10.86 12.00 49.06
CA GLY C 65 -10.16 12.58 47.93
C GLY C 65 -10.87 12.40 46.61
N THR C 66 -11.88 11.54 46.56
CA THR C 66 -12.75 11.45 45.41
C THR C 66 -13.87 12.49 45.47
N ASN C 67 -14.44 12.74 46.66
CA ASN C 67 -15.46 13.77 46.78
C ASN C 67 -14.88 15.16 46.51
N ILE C 68 -13.71 15.45 47.11
CA ILE C 68 -13.11 16.77 46.93
C ILE C 68 -12.48 16.93 45.56
N MET C 69 -12.36 15.85 44.78
CA MET C 69 -11.96 15.95 43.38
C MET C 69 -13.15 16.10 42.44
N ASN C 70 -14.25 15.38 42.70
CA ASN C 70 -15.46 15.58 41.90
C ASN C 70 -16.02 16.97 42.10
N LEU C 71 -15.82 17.56 43.29
CA LEU C 71 -16.21 18.95 43.48
C LEU C 71 -15.39 19.87 42.57
N PHE C 72 -14.08 19.60 42.44
CA PHE C 72 -13.26 20.38 41.52
C PHE C 72 -13.68 20.17 40.07
N VAL C 73 -14.12 18.95 39.74
CA VAL C 73 -14.60 18.70 38.38
C VAL C 73 -15.87 19.51 38.11
N ASN C 74 -16.78 19.56 39.08
CA ASN C 74 -17.99 20.36 38.91
C ASN C 74 -17.64 21.85 38.79
N ILE C 75 -16.60 22.30 39.50
CA ILE C 75 -16.17 23.69 39.35
C ILE C 75 -15.59 23.92 37.97
N SER C 76 -14.86 22.94 37.44
CA SER C 76 -14.20 23.06 36.14
C SER C 76 -15.15 22.83 34.98
N LYS C 77 -16.40 22.43 35.25
CA LYS C 77 -17.37 22.27 34.17
C LYS C 77 -17.63 23.58 33.43
N PHE C 78 -17.34 24.72 34.04
CA PHE C 78 -17.47 26.01 33.37
C PHE C 78 -16.10 26.67 33.28
N SER C 79 -15.80 27.22 32.10
CA SER C 79 -14.46 27.73 31.80
C SER C 79 -14.18 29.11 32.37
N CYS C 80 -15.20 29.85 32.81
CA CYS C 80 -14.93 31.15 33.40
C CYS C 80 -14.41 31.05 34.83
N LEU C 81 -14.49 29.87 35.44
CA LEU C 81 -13.93 29.62 36.76
C LEU C 81 -12.53 29.01 36.72
N HIS C 82 -12.00 28.73 35.53
CA HIS C 82 -10.70 28.07 35.44
C HIS C 82 -9.57 28.95 35.97
N GLY C 83 -9.72 30.27 35.87
CA GLY C 83 -8.67 31.15 36.40
C GLY C 83 -8.63 31.12 37.92
N ILE C 84 -9.80 31.04 38.56
CA ILE C 84 -9.84 30.93 40.01
C ILE C 84 -9.29 29.58 40.46
N LEU C 85 -9.43 28.54 39.63
CA LEU C 85 -8.85 27.24 39.96
C LEU C 85 -7.33 27.26 39.82
N LEU C 86 -6.83 27.83 38.72
CA LEU C 86 -5.39 27.88 38.51
C LEU C 86 -4.70 28.86 39.44
N HIS C 87 -5.43 29.82 40.00
CA HIS C 87 -4.83 30.71 41.00
C HIS C 87 -4.37 29.94 42.22
N HIS C 88 -5.05 28.84 42.54
CA HIS C 88 -4.58 27.86 43.50
C HIS C 88 -3.77 26.78 42.77
N LYS C 89 -2.96 26.05 43.54
CA LYS C 89 -2.19 24.95 42.97
C LYS C 89 -3.04 23.68 42.87
N ILE C 90 -4.21 23.80 42.26
CA ILE C 90 -5.13 22.66 42.17
C ILE C 90 -4.72 21.70 41.07
N GLY C 91 -4.23 22.22 39.94
CA GLY C 91 -3.87 21.34 38.83
C GLY C 91 -2.68 20.45 39.14
N THR C 92 -1.72 20.94 39.92
CA THR C 92 -0.58 20.13 40.31
C THR C 92 -1.00 18.98 41.22
N LEU C 93 -2.10 19.15 41.97
CA LEU C 93 -2.53 18.11 42.89
C LEU C 93 -2.89 16.82 42.17
N CYS C 94 -3.61 16.92 41.05
CA CYS C 94 -3.96 15.72 40.29
C CYS C 94 -2.74 15.07 39.65
N VAL C 95 -1.77 15.88 39.21
CA VAL C 95 -0.58 15.31 38.61
C VAL C 95 0.23 14.55 39.65
N ASN C 96 0.39 15.13 40.85
CA ASN C 96 1.08 14.44 41.92
C ASN C 96 0.30 13.20 42.36
N ALA C 97 -1.03 13.28 42.33
CA ALA C 97 -1.84 12.14 42.74
C ALA C 97 -1.70 10.98 41.77
N MET C 98 -1.72 11.26 40.46
CA MET C 98 -1.53 10.19 39.49
C MET C 98 -0.11 9.64 39.57
N GLU C 99 0.88 10.51 39.77
CA GLU C 99 2.26 10.05 39.84
C GLU C 99 2.48 9.15 41.03
N HIS C 100 1.80 9.43 42.15
CA HIS C 100 1.97 8.58 43.32
C HIS C 100 1.15 7.30 43.22
N GLU C 101 -0.10 7.40 42.77
CA GLU C 101 -0.96 6.23 42.67
C GLU C 101 -0.51 5.24 41.60
N THR C 102 0.21 5.68 40.57
CA THR C 102 0.74 4.72 39.61
C THR C 102 1.76 3.79 40.29
N LYS C 103 2.72 4.37 41.00
CA LYS C 103 3.69 3.56 41.73
C LYS C 103 3.03 2.76 42.84
N ARG C 104 1.99 3.31 43.47
CA ARG C 104 1.30 2.54 44.51
C ARG C 104 0.56 1.35 43.92
N TYR C 105 -0.05 1.52 42.73
CA TYR C 105 -0.70 0.39 42.08
C TYR C 105 0.32 -0.65 41.64
N ASP C 106 1.51 -0.22 41.22
CA ASP C 106 2.54 -1.19 40.89
C ASP C 106 2.98 -1.96 42.13
N PHE C 107 3.13 -1.27 43.26
CA PHE C 107 3.50 -1.94 44.50
C PHE C 107 2.41 -2.90 44.96
N TRP C 108 1.14 -2.54 44.73
CA TRP C 108 0.05 -3.43 45.12
C TRP C 108 -0.03 -4.65 44.22
N ILE C 109 0.19 -4.47 42.92
CA ILE C 109 0.15 -5.61 42.01
C ILE C 109 1.35 -6.52 42.24
N ALA C 110 2.47 -5.98 42.74
CA ALA C 110 3.59 -6.82 43.14
C ALA C 110 3.41 -7.40 44.54
N GLU C 111 2.53 -6.84 45.35
CA GLU C 111 2.26 -7.38 46.67
C GLU C 111 1.23 -8.50 46.61
N MET C 112 0.35 -8.46 45.61
CA MET C 112 -0.71 -9.47 45.50
C MET C 112 -0.16 -10.87 45.30
N LYS C 113 1.03 -10.98 44.70
CA LYS C 113 1.61 -12.28 44.39
C LYS C 113 2.25 -12.95 45.60
N LYS C 114 2.31 -12.26 46.75
CA LYS C 114 2.84 -12.83 47.99
C LYS C 114 2.03 -12.27 49.15
N THR C 115 0.78 -12.72 49.24
CA THR C 115 -0.13 -12.26 50.29
C THR C 115 -1.21 -13.31 50.50
N ASP C 116 -1.96 -13.15 51.59
CA ASP C 116 -3.04 -14.06 51.95
C ASP C 116 -4.33 -13.64 51.22
N GLN C 117 -5.46 -14.22 51.62
CA GLN C 117 -6.72 -14.01 50.92
C GLN C 117 -7.47 -12.76 51.35
N GLU C 118 -7.51 -12.47 52.66
CA GLU C 118 -8.21 -11.28 53.12
C GLU C 118 -7.49 -10.01 52.64
N THR C 119 -6.16 -10.00 52.73
CA THR C 119 -5.40 -8.87 52.20
C THR C 119 -5.53 -8.79 50.68
N LEU C 120 -5.80 -9.91 50.01
CA LEU C 120 -6.02 -9.87 48.56
C LEU C 120 -7.30 -9.10 48.24
N ARG C 121 -8.39 -9.39 48.94
CA ARG C 121 -9.61 -8.63 48.73
C ARG C 121 -9.44 -7.17 49.15
N LYS C 122 -8.63 -6.92 50.19
CA LYS C 122 -8.37 -5.54 50.58
C LYS C 122 -7.64 -4.79 49.47
N LEU C 123 -6.65 -5.43 48.85
CA LEU C 123 -5.94 -4.81 47.74
C LEU C 123 -6.83 -4.64 46.52
N LYS C 124 -7.78 -5.56 46.29
CA LYS C 124 -8.70 -5.40 45.18
C LYS C 124 -9.59 -4.19 45.38
N THR C 125 -10.16 -4.05 46.59
CA THR C 125 -11.00 -2.88 46.86
C THR C 125 -10.19 -1.59 46.82
N ALA C 126 -8.94 -1.64 47.27
CA ALA C 126 -8.10 -0.45 47.21
C ALA C 126 -7.78 -0.06 45.77
N ILE C 127 -7.56 -1.05 44.90
CA ILE C 127 -7.31 -0.76 43.49
C ILE C 127 -8.55 -0.17 42.84
N ARG C 128 -9.74 -0.64 43.24
CA ARG C 128 -10.96 -0.08 42.67
C ARG C 128 -11.17 1.37 43.12
N LYS C 129 -10.96 1.64 44.41
CA LYS C 129 -11.11 3.02 44.88
C LYS C 129 -10.07 3.94 44.26
N GLN C 130 -8.85 3.45 44.10
CA GLN C 130 -7.83 4.24 43.43
C GLN C 130 -8.18 4.48 41.96
N ALA C 131 -8.84 3.52 41.33
CA ALA C 131 -9.27 3.73 39.95
C ALA C 131 -10.33 4.82 39.87
N MET C 132 -11.26 4.85 40.84
CA MET C 132 -12.25 5.92 40.83
C MET C 132 -11.59 7.28 41.06
N LEU C 133 -10.63 7.34 41.99
CA LEU C 133 -9.97 8.61 42.27
C LEU C 133 -9.17 9.10 41.07
N LEU C 134 -8.41 8.19 40.43
CA LEU C 134 -7.64 8.58 39.25
C LEU C 134 -8.54 8.95 38.08
N ALA C 135 -9.71 8.32 37.96
CA ALA C 135 -10.65 8.71 36.92
C ALA C 135 -11.16 10.12 37.15
N ALA C 136 -11.50 10.45 38.39
CA ALA C 136 -11.93 11.82 38.69
C ALA C 136 -10.81 12.81 38.42
N CYS C 137 -9.57 12.44 38.74
CA CYS C 137 -8.45 13.36 38.55
C CYS C 137 -8.16 13.60 37.08
N VAL C 138 -8.12 12.52 36.29
CA VAL C 138 -7.86 12.68 34.86
C VAL C 138 -9.02 13.39 34.16
N THR C 139 -10.26 13.20 34.64
CA THR C 139 -11.37 13.97 34.07
C THR C 139 -11.23 15.45 34.41
N PHE C 140 -10.76 15.77 35.62
CA PHE C 140 -10.53 17.17 35.96
C PHE C 140 -9.43 17.78 35.09
N LEU C 141 -8.35 17.02 34.87
CA LEU C 141 -7.29 17.52 34.00
C LEU C 141 -7.76 17.66 32.55
N THR C 142 -8.64 16.77 32.10
CA THR C 142 -9.16 16.88 30.74
C THR C 142 -10.04 18.12 30.58
N ASN C 143 -10.87 18.40 31.59
CA ASN C 143 -11.67 19.63 31.53
C ASN C 143 -10.79 20.87 31.64
N LEU C 144 -9.69 20.80 32.39
CA LEU C 144 -8.77 21.93 32.45
C LEU C 144 -8.04 22.14 31.13
N ALA C 145 -7.82 21.06 30.38
CA ALA C 145 -6.97 21.14 29.19
C ALA C 145 -7.65 21.77 28.01
N THR C 146 -8.87 22.29 28.21
CA THR C 146 -9.54 23.01 27.12
C THR C 146 -8.73 24.22 26.67
N ASP C 147 -8.03 24.86 27.60
CA ASP C 147 -7.03 25.86 27.24
C ASP C 147 -5.77 25.14 26.78
N ILE C 148 -5.39 25.36 25.52
CA ILE C 148 -4.21 24.67 25.00
C ILE C 148 -2.94 25.15 25.69
N SER C 149 -2.96 26.36 26.26
CA SER C 149 -1.81 26.84 27.01
C SER C 149 -1.55 25.99 28.24
N VAL C 150 -2.58 25.78 29.07
CA VAL C 150 -2.39 24.94 30.24
C VAL C 150 -2.18 23.49 29.84
N GLU C 151 -2.72 23.09 28.68
CA GLU C 151 -2.45 21.73 28.20
C GLU C 151 -0.97 21.54 27.87
N LEU C 152 -0.36 22.53 27.21
CA LEU C 152 1.07 22.46 26.96
C LEU C 152 1.86 22.54 28.27
N LYS C 153 1.38 23.33 29.24
CA LYS C 153 2.05 23.41 30.52
C LYS C 153 2.01 22.08 31.26
N MET C 154 0.94 21.31 31.10
CA MET C 154 0.86 19.99 31.70
C MET C 154 1.68 18.97 30.92
N VAL C 155 1.72 19.09 29.59
CA VAL C 155 2.53 18.18 28.79
C VAL C 155 4.01 18.41 29.03
N ARG C 156 4.40 19.62 29.45
CA ARG C 156 5.79 19.87 29.83
C ARG C 156 6.24 18.90 30.92
N ARG C 157 5.44 18.77 31.97
CA ARG C 157 5.60 17.69 32.92
C ARG C 157 5.22 16.37 32.27
N ASN C 158 5.87 15.29 32.70
CA ASN C 158 5.57 13.97 32.16
C ASN C 158 4.08 13.65 32.29
N LEU C 159 3.36 13.75 31.18
CA LEU C 159 1.91 13.56 31.16
C LEU C 159 1.51 12.37 30.32
N VAL C 160 1.93 12.30 29.06
CA VAL C 160 1.50 11.22 28.19
C VAL C 160 1.97 9.87 28.72
N ALA C 161 3.14 9.85 29.35
CA ALA C 161 3.59 8.61 30.00
C ALA C 161 2.68 8.24 31.17
N LEU C 162 2.24 9.24 31.93
CA LEU C 162 1.31 8.96 33.03
C LEU C 162 -0.02 8.45 32.51
N LEU C 163 -0.46 8.95 31.36
CA LEU C 163 -1.72 8.50 30.80
C LEU C 163 -1.61 7.09 30.23
N VAL C 164 -0.46 6.76 29.62
CA VAL C 164 -0.24 5.39 29.18
C VAL C 164 -0.18 4.44 30.37
N LYS C 165 0.40 4.90 31.48
CA LYS C 165 0.42 4.08 32.69
C LYS C 165 -0.98 3.89 33.25
N CYS C 166 -1.80 4.95 33.25
CA CYS C 166 -3.17 4.82 33.73
C CYS C 166 -3.98 3.90 32.83
N LEU C 167 -3.72 3.92 31.52
CA LEU C 167 -4.41 3.01 30.62
C LEU C 167 -3.99 1.56 30.88
N GLN C 168 -2.69 1.35 31.13
CA GLN C 168 -2.24 -0.01 31.44
C GLN C 168 -2.79 -0.48 32.79
N MET C 169 -3.06 0.44 33.71
CA MET C 169 -3.61 0.05 35.00
C MET C 169 -5.00 -0.56 34.84
N SER C 170 -5.90 0.16 34.18
CA SER C 170 -7.28 -0.25 34.00
C SER C 170 -7.49 -1.03 32.71
N SER C 171 -6.41 -1.44 32.05
CA SER C 171 -6.53 -2.20 30.81
C SER C 171 -7.20 -3.54 31.03
N GLU C 172 -7.07 -4.12 32.24
CA GLU C 172 -7.70 -5.42 32.50
C GLU C 172 -9.17 -5.22 32.90
N SER C 173 -9.42 -4.71 34.10
CA SER C 173 -10.77 -4.41 34.55
C SER C 173 -11.11 -3.01 34.07
N THR C 174 -11.80 -2.91 32.93
CA THR C 174 -12.16 -1.61 32.40
C THR C 174 -13.10 -0.89 33.35
N SER C 175 -12.85 0.41 33.52
CA SER C 175 -13.61 1.23 34.46
C SER C 175 -13.72 2.63 33.87
N SER C 176 -14.22 3.57 34.68
CA SER C 176 -14.28 4.96 34.23
C SER C 176 -12.90 5.52 33.97
N LEU C 177 -11.88 4.99 34.66
CA LEU C 177 -10.52 5.45 34.42
C LEU C 177 -10.09 5.17 32.98
N THR C 178 -10.52 4.03 32.42
CA THR C 178 -10.16 3.71 31.05
C THR C 178 -10.79 4.69 30.08
N THR C 179 -12.09 4.94 30.22
CA THR C 179 -12.78 5.85 29.31
C THR C 179 -12.21 7.26 29.40
N ALA C 180 -11.90 7.70 30.63
CA ALA C 180 -11.42 9.06 30.79
C ALA C 180 -10.01 9.22 30.24
N THR C 181 -9.12 8.26 30.53
CA THR C 181 -7.76 8.35 30.00
C THR C 181 -7.74 8.19 28.48
N ILE C 182 -8.66 7.41 27.91
CA ILE C 182 -8.66 7.28 26.46
C ILE C 182 -9.23 8.53 25.80
N LYS C 183 -10.20 9.19 26.43
CA LYS C 183 -10.66 10.47 25.90
C LYS C 183 -9.56 11.52 25.97
N PHE C 184 -8.79 11.52 27.07
CA PHE C 184 -7.69 12.48 27.17
C PHE C 184 -6.60 12.19 26.15
N LEU C 185 -6.29 10.91 25.92
CA LEU C 185 -5.32 10.56 24.88
C LEU C 185 -5.84 10.92 23.49
N LEU C 186 -7.15 10.81 23.28
CA LEU C 186 -7.72 11.21 21.99
C LEU C 186 -7.54 12.71 21.78
N LYS C 187 -7.80 13.50 22.82
CA LYS C 187 -7.63 14.94 22.69
C LYS C 187 -6.15 15.31 22.51
N LEU C 188 -5.25 14.57 23.16
CA LEU C 188 -3.83 14.85 23.04
C LEU C 188 -3.23 14.37 21.72
N SER C 189 -3.87 13.42 21.05
CA SER C 189 -3.31 12.85 19.83
C SER C 189 -3.36 13.81 18.66
N ILE C 190 -4.03 14.96 18.83
CA ILE C 190 -4.10 15.96 17.76
C ILE C 190 -2.70 16.46 17.40
N PHE C 191 -1.83 16.57 18.39
CA PHE C 191 -0.48 17.08 18.19
C PHE C 191 0.50 15.94 17.90
N ASP C 192 1.65 16.30 17.34
CA ASP C 192 2.67 15.32 16.95
C ASP C 192 3.53 14.83 18.11
N GLU C 193 3.95 15.72 19.02
CA GLU C 193 4.81 15.28 20.11
C GLU C 193 4.06 14.34 21.06
N ASN C 194 2.78 14.61 21.30
CA ASN C 194 2.00 13.70 22.12
C ASN C 194 1.83 12.35 21.44
N LYS C 195 1.68 12.36 20.11
CA LYS C 195 1.56 11.10 19.38
C LYS C 195 2.85 10.31 19.43
N ILE C 196 3.99 11.01 19.40
CA ILE C 196 5.28 10.31 19.44
C ILE C 196 5.51 9.70 20.82
N VAL C 197 5.25 10.47 21.88
CA VAL C 197 5.39 9.92 23.23
C VAL C 197 4.37 8.81 23.46
N MET C 198 3.22 8.87 22.78
CA MET C 198 2.19 7.85 22.96
C MET C 198 2.59 6.54 22.29
N GLU C 199 2.98 6.59 21.02
CA GLU C 199 3.33 5.37 20.31
C GLU C 199 4.72 4.86 20.67
N GLN C 200 5.56 5.69 21.30
CA GLN C 200 6.85 5.22 21.81
C GLN C 200 6.69 4.33 23.04
N ASN C 201 5.60 4.51 23.79
CA ASN C 201 5.32 3.68 24.97
C ASN C 201 4.44 2.49 24.64
N GLY C 202 4.22 2.21 23.35
CA GLY C 202 3.45 1.05 22.96
C GLY C 202 1.96 1.18 23.21
N THR C 203 1.36 2.28 22.73
CA THR C 203 -0.07 2.50 22.95
C THR C 203 -0.95 1.71 21.99
N ILE C 204 -0.50 1.51 20.75
CA ILE C 204 -1.36 0.87 19.75
C ILE C 204 -1.65 -0.57 20.15
N GLU C 205 -0.64 -1.29 20.64
CA GLU C 205 -0.86 -2.68 21.05
C GLU C 205 -1.73 -2.75 22.30
N LYS C 206 -1.56 -1.81 23.24
CA LYS C 206 -2.42 -1.79 24.41
C LYS C 206 -3.87 -1.50 24.04
N LEU C 207 -4.10 -0.69 23.02
CA LEU C 207 -5.45 -0.44 22.56
C LEU C 207 -6.02 -1.66 21.84
N LEU C 208 -5.21 -2.32 21.01
CA LEU C 208 -5.67 -3.51 20.30
C LEU C 208 -5.98 -4.66 21.25
N LYS C 209 -5.33 -4.68 22.42
CA LYS C 209 -5.59 -5.74 23.40
C LYS C 209 -6.83 -5.47 24.24
N LEU C 210 -7.58 -4.42 23.94
CA LEU C 210 -8.83 -4.14 24.64
C LEU C 210 -10.05 -4.83 24.03
N PHE C 211 -10.07 -5.02 22.71
CA PHE C 211 -11.22 -5.63 22.07
C PHE C 211 -11.35 -7.10 22.46
N PRO C 212 -12.58 -7.64 22.49
CA PRO C 212 -13.88 -6.95 22.44
C PRO C 212 -14.17 -6.07 23.67
N ILE C 213 -14.86 -4.95 23.50
CA ILE C 213 -15.29 -4.11 24.62
C ILE C 213 -16.78 -3.88 24.48
N GLN C 214 -17.52 -4.02 25.58
CA GLN C 214 -18.96 -3.89 25.53
C GLN C 214 -19.44 -2.46 25.70
N ASP C 215 -18.68 -1.62 26.39
CA ASP C 215 -19.15 -0.26 26.64
C ASP C 215 -19.11 0.55 25.35
N PRO C 216 -20.25 1.08 24.89
CA PRO C 216 -20.23 1.90 23.65
C PRO C 216 -19.33 3.11 23.73
N GLU C 217 -19.21 3.74 24.89
CA GLU C 217 -18.37 4.94 25.00
C GLU C 217 -16.90 4.58 24.84
N LEU C 218 -16.46 3.52 25.53
CA LEU C 218 -15.10 3.05 25.36
C LEU C 218 -14.85 2.59 23.93
N ARG C 219 -15.87 2.00 23.30
CA ARG C 219 -15.71 1.54 21.93
C ARG C 219 -15.46 2.71 20.98
N LYS C 220 -16.30 3.74 21.08
CA LYS C 220 -16.13 4.91 20.22
C LYS C 220 -14.81 5.61 20.51
N ALA C 221 -14.43 5.71 21.79
CA ALA C 221 -13.18 6.40 22.10
C ALA C 221 -11.97 5.64 21.56
N VAL C 222 -11.97 4.31 21.70
CA VAL C 222 -10.85 3.53 21.22
C VAL C 222 -10.76 3.58 19.69
N ILE C 223 -11.91 3.44 19.01
CA ILE C 223 -11.84 3.45 17.55
C ILE C 223 -11.45 4.84 17.04
N MET C 224 -11.87 5.92 17.72
CA MET C 224 -11.46 7.24 17.29
C MET C 224 -9.97 7.49 17.55
N LEU C 225 -9.45 6.98 18.67
CA LEU C 225 -8.02 7.13 18.93
C LEU C 225 -7.20 6.33 17.93
N LEU C 226 -7.65 5.13 17.58
CA LEU C 226 -6.98 4.39 16.52
C LEU C 226 -7.12 5.07 15.17
N PHE C 227 -8.22 5.78 14.95
CA PHE C 227 -8.38 6.56 13.72
C PHE C 227 -7.36 7.69 13.65
N ASN C 228 -7.12 8.36 14.78
CA ASN C 228 -6.07 9.37 14.81
C ASN C 228 -4.70 8.74 14.62
N PHE C 229 -4.51 7.51 15.12
CA PHE C 229 -3.21 6.85 14.97
C PHE C 229 -2.95 6.35 13.56
N SER C 230 -4.01 6.00 12.82
CA SER C 230 -3.84 5.25 11.57
C SER C 230 -3.44 6.11 10.38
N PHE C 231 -3.27 7.42 10.57
CA PHE C 231 -2.78 8.30 9.53
C PHE C 231 -1.25 8.36 9.49
N ASP C 232 -0.58 7.35 10.03
CA ASP C 232 0.84 7.15 9.86
C ASP C 232 1.07 5.89 9.03
N SER C 233 2.17 5.90 8.26
CA SER C 233 2.47 4.77 7.39
C SER C 233 2.76 3.50 8.18
N LYS C 234 3.25 3.63 9.41
CA LYS C 234 3.69 2.47 10.19
C LYS C 234 2.58 1.87 11.05
N ASN C 235 1.64 2.69 11.54
CA ASN C 235 0.64 2.18 12.46
C ASN C 235 -0.41 1.29 11.79
N LEU C 236 -0.60 1.40 10.48
CA LEU C 236 -1.59 0.55 9.81
C LEU C 236 -1.18 -0.91 9.78
N PRO C 237 0.03 -1.29 9.33
CA PRO C 237 0.41 -2.71 9.44
C PRO C 237 0.38 -3.24 10.86
N LYS C 238 0.70 -2.40 11.83
CA LYS C 238 0.68 -2.82 13.23
C LYS C 238 -0.73 -3.22 13.67
N MET C 239 -1.75 -2.57 13.12
CA MET C 239 -3.13 -2.92 13.45
C MET C 239 -3.62 -4.09 12.60
N VAL C 240 -3.19 -4.17 11.35
CA VAL C 240 -3.62 -5.27 10.49
C VAL C 240 -3.07 -6.59 11.01
N ASN C 241 -1.79 -6.61 11.38
CA ASN C 241 -1.21 -7.83 11.94
C ASN C 241 -1.67 -8.07 13.37
N GLY C 242 -2.24 -7.05 14.02
CA GLY C 242 -2.73 -7.14 15.37
C GLY C 242 -4.13 -7.70 15.50
N GLY C 243 -4.78 -8.06 14.40
CA GLY C 243 -6.09 -8.66 14.48
C GLY C 243 -7.23 -7.69 14.69
N LEU C 244 -7.02 -6.40 14.43
CA LEU C 244 -8.10 -5.43 14.57
C LEU C 244 -9.24 -5.68 13.58
N VAL C 245 -8.90 -6.20 12.39
CA VAL C 245 -9.91 -6.35 11.33
C VAL C 245 -11.06 -7.28 11.71
N PRO C 246 -10.82 -8.51 12.21
CA PRO C 246 -11.95 -9.44 12.38
C PRO C 246 -13.03 -8.94 13.35
N HIS C 247 -12.65 -8.44 14.52
CA HIS C 247 -13.65 -8.02 15.49
C HIS C 247 -14.20 -6.63 15.18
N MET C 248 -13.59 -5.91 14.24
CA MET C 248 -14.16 -4.67 13.74
C MET C 248 -15.16 -4.89 12.60
N ALA C 249 -15.01 -5.98 11.84
CA ALA C 249 -15.95 -6.22 10.74
C ALA C 249 -17.37 -6.43 11.26
N SER C 250 -17.52 -6.99 12.46
CA SER C 250 -18.84 -7.15 13.07
C SER C 250 -19.44 -5.83 13.52
N LEU C 251 -18.63 -4.82 13.80
CA LEU C 251 -19.13 -3.54 14.29
C LEU C 251 -19.66 -2.64 13.18
N LEU C 252 -19.59 -3.11 11.94
CA LEU C 252 -20.06 -2.31 10.80
C LEU C 252 -21.54 -1.97 10.92
N ASP C 253 -22.34 -2.86 11.53
CA ASP C 253 -23.77 -2.61 11.70
C ASP C 253 -24.10 -1.86 12.98
N SER C 254 -23.16 -1.74 13.92
CA SER C 254 -23.47 -1.12 15.21
C SER C 254 -22.98 0.32 15.28
N ASP C 255 -21.67 0.51 15.36
CA ASP C 255 -21.07 1.83 15.48
C ASP C 255 -20.99 2.52 14.11
N THR C 256 -20.76 3.84 14.16
CA THR C 256 -20.60 4.67 12.97
C THR C 256 -19.15 4.87 12.55
N LYS C 257 -18.23 4.99 13.51
CA LYS C 257 -16.81 5.15 13.18
C LYS C 257 -16.17 3.83 12.77
N ALA C 258 -16.87 2.71 12.98
CA ALA C 258 -16.31 1.42 12.60
C ALA C 258 -16.09 1.32 11.09
N LEU C 259 -17.03 1.86 10.30
CA LEU C 259 -16.82 1.88 8.85
C LEU C 259 -15.66 2.79 8.46
N ASN C 260 -15.51 3.92 9.18
CA ASN C 260 -14.44 4.86 8.88
C ASN C 260 -13.08 4.22 9.12
N MET C 261 -12.96 3.44 10.20
CA MET C 261 -11.71 2.74 10.46
C MET C 261 -11.53 1.57 9.51
N MET C 262 -12.62 0.87 9.18
CA MET C 262 -12.51 -0.29 8.31
C MET C 262 -12.06 0.10 6.91
N TYR C 263 -12.42 1.29 6.45
CA TYR C 263 -11.92 1.73 5.15
C TYR C 263 -10.40 1.90 5.18
N LEU C 264 -9.89 2.59 6.20
CA LEU C 264 -8.46 2.81 6.31
C LEU C 264 -7.72 1.49 6.48
N LEU C 265 -8.36 0.52 7.14
CA LEU C 265 -7.76 -0.81 7.22
C LEU C 265 -7.75 -1.49 5.86
N SER C 266 -8.87 -1.44 5.14
CA SER C 266 -9.00 -2.10 3.84
C SER C 266 -8.13 -1.47 2.77
N CYS C 267 -7.59 -0.29 3.02
CA CYS C 267 -6.56 0.25 2.15
C CYS C 267 -5.35 -0.68 2.05
N ASN C 268 -5.11 -1.50 3.07
CA ASN C 268 -4.05 -2.50 3.06
C ASN C 268 -4.55 -3.82 2.49
N ASP C 269 -3.66 -4.53 1.77
CA ASP C 269 -4.04 -5.77 1.09
C ASP C 269 -4.34 -6.90 2.08
N ASP C 270 -3.54 -7.01 3.14
CA ASP C 270 -3.79 -8.08 4.11
C ASP C 270 -5.13 -7.90 4.79
N ALA C 271 -5.58 -6.65 4.96
CA ALA C 271 -6.91 -6.43 5.52
C ALA C 271 -8.00 -6.91 4.58
N LYS C 272 -7.80 -6.77 3.26
CA LYS C 272 -8.77 -7.33 2.32
C LYS C 272 -8.77 -8.85 2.40
N ALA C 273 -7.58 -9.46 2.52
CA ALA C 273 -7.51 -10.91 2.63
C ALA C 273 -8.17 -11.41 3.92
N MET C 274 -8.09 -10.63 5.00
CA MET C 274 -8.75 -11.01 6.24
C MET C 274 -10.26 -10.79 6.17
N LEU C 275 -10.70 -9.72 5.52
CA LEU C 275 -12.12 -9.45 5.34
C LEU C 275 -12.76 -10.40 4.35
N ALA C 276 -11.96 -11.15 3.59
CA ALA C 276 -12.51 -12.16 2.71
C ALA C 276 -13.30 -13.23 3.46
N TYR C 277 -13.05 -13.40 4.76
CA TYR C 277 -13.73 -14.41 5.56
C TYR C 277 -14.54 -13.79 6.70
N THR C 278 -15.14 -12.62 6.47
CA THR C 278 -15.97 -11.94 7.44
C THR C 278 -17.36 -11.72 6.88
N ASP C 279 -18.32 -11.52 7.80
CA ASP C 279 -19.71 -11.29 7.42
C ASP C 279 -19.92 -9.95 6.73
N ALA C 280 -19.00 -8.99 6.92
CA ALA C 280 -19.22 -7.63 6.45
C ALA C 280 -19.40 -7.55 4.94
N ILE C 281 -18.90 -8.52 4.19
CA ILE C 281 -19.07 -8.51 2.74
C ILE C 281 -20.55 -8.54 2.36
N LYS C 282 -21.38 -9.18 3.18
CA LYS C 282 -22.82 -9.13 2.93
C LYS C 282 -23.47 -7.89 3.52
N LEU C 283 -22.82 -7.22 4.47
CA LEU C 283 -23.39 -6.00 5.05
C LEU C 283 -23.31 -4.84 4.07
N LEU C 284 -22.15 -4.68 3.41
CA LEU C 284 -22.02 -3.62 2.43
C LEU C 284 -23.02 -3.79 1.30
N MET C 285 -23.15 -5.03 0.79
CA MET C 285 -24.13 -5.30 -0.25
C MET C 285 -25.55 -5.07 0.25
N LYS C 286 -25.77 -5.14 1.56
CA LYS C 286 -27.07 -4.77 2.10
C LYS C 286 -27.29 -3.27 2.01
N ASP C 287 -26.28 -2.47 2.35
CA ASP C 287 -26.47 -1.02 2.38
C ASP C 287 -26.45 -0.41 0.98
N VAL C 288 -25.69 -1.01 0.06
CA VAL C 288 -25.60 -0.46 -1.29
C VAL C 288 -26.89 -0.74 -2.06
N LEU C 289 -27.35 -1.99 -2.01
CA LEU C 289 -28.52 -2.39 -2.80
C LEU C 289 -29.83 -1.83 -2.25
N SER C 290 -29.91 -1.56 -0.95
CA SER C 290 -31.15 -1.06 -0.37
C SER C 290 -31.37 0.41 -0.62
N GLY C 291 -30.39 1.10 -1.20
CA GLY C 291 -30.50 2.50 -1.52
C GLY C 291 -30.02 3.44 -0.43
N THR C 292 -29.90 2.95 0.80
CA THR C 292 -29.35 3.74 1.91
C THR C 292 -27.84 3.56 1.97
N GLY C 293 -27.19 3.85 0.84
CA GLY C 293 -25.76 3.68 0.72
C GLY C 293 -25.01 4.89 1.23
N SER C 294 -23.68 4.82 1.09
CA SER C 294 -22.81 5.89 1.51
C SER C 294 -21.56 5.88 0.64
N GLU C 295 -20.95 7.05 0.48
CA GLU C 295 -19.74 7.14 -0.33
C GLU C 295 -18.60 6.34 0.29
N VAL C 296 -18.50 6.34 1.63
CA VAL C 296 -17.49 5.53 2.29
C VAL C 296 -17.80 4.05 2.11
N THR C 297 -19.09 3.70 2.06
CA THR C 297 -19.46 2.30 1.87
C THR C 297 -19.07 1.82 0.49
N LYS C 298 -19.39 2.58 -0.55
CA LYS C 298 -19.00 2.19 -1.90
C LYS C 298 -17.48 2.24 -2.08
N ALA C 299 -16.78 3.13 -1.37
CA ALA C 299 -15.33 3.18 -1.48
C ALA C 299 -14.69 1.95 -0.85
N VAL C 300 -15.14 1.57 0.35
CA VAL C 300 -14.60 0.38 0.97
C VAL C 300 -15.01 -0.86 0.18
N LEU C 301 -16.17 -0.84 -0.47
CA LEU C 301 -16.56 -1.96 -1.33
C LEU C 301 -15.67 -2.06 -2.55
N LEU C 302 -15.23 -0.91 -3.09
CA LEU C 302 -14.30 -0.94 -4.21
C LEU C 302 -12.94 -1.45 -3.77
N ASN C 303 -12.47 -1.01 -2.60
CA ASN C 303 -11.19 -1.50 -2.10
C ASN C 303 -11.25 -2.98 -1.74
N ILE C 304 -12.42 -3.48 -1.33
CA ILE C 304 -12.54 -4.87 -0.91
C ILE C 304 -12.57 -5.81 -2.11
N CYS C 305 -13.21 -5.40 -3.20
CA CYS C 305 -13.39 -6.28 -4.34
C CYS C 305 -12.12 -6.46 -5.16
N LEU C 306 -11.02 -5.84 -4.74
CA LEU C 306 -9.73 -6.07 -5.36
C LEU C 306 -9.15 -7.44 -5.01
N GLU C 307 -9.72 -8.14 -4.02
CA GLU C 307 -9.35 -9.51 -3.70
C GLU C 307 -10.26 -10.47 -4.45
N LYS C 308 -9.67 -11.59 -4.92
CA LYS C 308 -10.44 -12.54 -5.73
C LYS C 308 -11.57 -13.17 -4.94
N ARG C 309 -11.33 -13.50 -3.66
CA ARG C 309 -12.38 -14.11 -2.85
C ARG C 309 -13.54 -13.14 -2.63
N ASN C 310 -13.24 -11.86 -2.46
CA ASN C 310 -14.30 -10.88 -2.27
C ASN C 310 -15.12 -10.69 -3.53
N ALA C 311 -14.47 -10.70 -4.69
CA ALA C 311 -15.23 -10.59 -5.94
C ALA C 311 -16.10 -11.82 -6.17
N GLN C 312 -15.58 -13.00 -5.83
CA GLN C 312 -16.42 -14.20 -5.93
C GLN C 312 -17.59 -14.15 -4.96
N LEU C 313 -17.40 -13.56 -3.78
CA LEU C 313 -18.51 -13.43 -2.84
C LEU C 313 -19.56 -12.45 -3.36
N VAL C 314 -19.11 -11.31 -3.90
CA VAL C 314 -20.06 -10.33 -4.41
C VAL C 314 -20.80 -10.86 -5.63
N CYS C 315 -20.18 -11.73 -6.42
CA CYS C 315 -20.79 -12.23 -7.63
C CYS C 315 -21.90 -13.24 -7.37
N GLY C 316 -22.05 -13.70 -6.13
CA GLY C 316 -22.98 -14.76 -5.84
C GLY C 316 -22.48 -16.09 -6.36
N GLN C 317 -23.43 -17.01 -6.58
CA GLN C 317 -23.09 -18.34 -7.06
C GLN C 317 -23.26 -18.52 -8.56
N ARG C 318 -24.08 -17.70 -9.22
CA ARG C 318 -24.35 -17.91 -10.64
C ARG C 318 -24.45 -16.63 -11.44
N GLY C 319 -24.39 -15.46 -10.81
CA GLY C 319 -24.47 -14.21 -11.53
C GLY C 319 -25.47 -13.24 -10.92
N GLN C 320 -26.39 -13.77 -10.10
CA GLN C 320 -27.42 -12.93 -9.49
C GLN C 320 -26.84 -11.89 -8.54
N GLY C 321 -25.62 -12.12 -8.04
CA GLY C 321 -25.01 -11.15 -7.14
C GLY C 321 -24.68 -9.84 -7.84
N LEU C 322 -24.02 -9.91 -8.99
CA LEU C 322 -23.66 -8.70 -9.71
C LEU C 322 -24.71 -8.23 -10.70
N ASP C 323 -25.72 -9.06 -11.00
CA ASP C 323 -26.77 -8.62 -11.91
C ASP C 323 -27.60 -7.50 -11.30
N LEU C 324 -27.67 -7.42 -9.97
CA LEU C 324 -28.32 -6.30 -9.32
C LEU C 324 -27.39 -5.10 -9.23
N LEU C 325 -26.11 -5.33 -8.96
CA LEU C 325 -25.16 -4.23 -8.83
C LEU C 325 -24.99 -3.50 -10.15
N MET C 326 -24.87 -4.24 -11.27
CA MET C 326 -24.75 -3.60 -12.56
C MET C 326 -26.03 -2.88 -12.96
N GLU C 327 -27.19 -3.42 -12.57
CA GLU C 327 -28.44 -2.75 -12.91
C GLU C 327 -28.56 -1.41 -12.16
N MET C 328 -28.22 -1.41 -10.87
CA MET C 328 -28.23 -0.16 -10.12
C MET C 328 -27.14 0.79 -10.62
N SER C 329 -26.02 0.26 -11.11
CA SER C 329 -24.95 1.12 -11.61
C SER C 329 -25.34 1.78 -12.92
N ILE C 330 -26.03 1.06 -13.79
CA ILE C 330 -26.39 1.61 -15.10
C ILE C 330 -27.60 2.53 -14.99
N ASN C 331 -28.62 2.12 -14.24
CA ASN C 331 -29.85 2.91 -14.20
C ASN C 331 -29.65 4.23 -13.45
N SER C 332 -28.97 4.20 -12.30
CA SER C 332 -28.74 5.38 -11.51
C SER C 332 -27.46 6.13 -11.89
N ARG C 333 -26.68 5.60 -12.83
CA ARG C 333 -25.43 6.23 -13.28
C ARG C 333 -24.49 6.50 -12.09
N ASP C 334 -24.32 5.48 -11.26
CA ASP C 334 -23.45 5.56 -10.09
C ASP C 334 -22.02 5.20 -10.52
N LEU C 335 -21.13 6.19 -10.49
CA LEU C 335 -19.75 5.93 -10.90
C LEU C 335 -19.04 4.99 -9.92
N MET C 336 -19.36 5.05 -8.63
CA MET C 336 -18.71 4.16 -7.67
C MET C 336 -19.08 2.70 -7.92
N LEU C 337 -20.34 2.45 -8.29
CA LEU C 337 -20.75 1.08 -8.53
C LEU C 337 -20.15 0.52 -9.82
N ILE C 338 -20.04 1.35 -10.86
CA ILE C 338 -19.36 0.88 -12.06
C ILE C 338 -17.87 0.70 -11.80
N LYS C 339 -17.29 1.49 -10.88
CA LYS C 339 -15.91 1.23 -10.46
C LYS C 339 -15.79 -0.12 -9.78
N VAL C 340 -16.75 -0.46 -8.92
CA VAL C 340 -16.74 -1.76 -8.26
C VAL C 340 -16.90 -2.88 -9.28
N VAL C 341 -17.75 -2.66 -10.29
CA VAL C 341 -17.95 -3.68 -11.32
C VAL C 341 -16.68 -3.88 -12.13
N ARG C 342 -15.96 -2.80 -12.43
CA ARG C 342 -14.71 -2.94 -13.15
C ARG C 342 -13.65 -3.66 -12.30
N ALA C 343 -13.63 -3.37 -11.01
CA ALA C 343 -12.69 -4.08 -10.13
C ALA C 343 -13.05 -5.56 -10.04
N ILE C 344 -14.33 -5.89 -10.12
CA ILE C 344 -14.74 -7.30 -10.13
C ILE C 344 -14.32 -7.96 -11.44
N SER C 345 -14.47 -7.26 -12.56
CA SER C 345 -14.10 -7.82 -13.85
C SER C 345 -12.59 -7.92 -14.02
N SER C 346 -11.81 -7.16 -13.24
CA SER C 346 -10.36 -7.26 -13.35
C SER C 346 -9.84 -8.64 -13.00
N HIS C 347 -10.53 -9.33 -12.10
CA HIS C 347 -10.10 -10.68 -11.69
C HIS C 347 -10.27 -11.67 -12.84
N GLU C 348 -9.29 -12.56 -12.98
CA GLU C 348 -9.32 -13.61 -13.99
C GLU C 348 -9.84 -14.91 -13.39
N GLY C 349 -10.54 -15.70 -14.20
CA GLY C 349 -11.11 -16.95 -13.73
C GLY C 349 -12.48 -17.22 -14.33
N ALA C 350 -13.27 -18.04 -13.63
CA ALA C 350 -14.63 -18.34 -14.09
C ALA C 350 -15.59 -17.19 -13.84
N THR C 351 -15.19 -16.19 -13.06
CA THR C 351 -16.06 -15.04 -12.79
C THR C 351 -16.30 -14.17 -14.02
N GLN C 352 -15.42 -14.24 -15.03
CA GLN C 352 -15.63 -13.42 -16.23
C GLN C 352 -16.83 -13.91 -17.04
N ASN C 353 -17.20 -15.18 -16.91
CA ASN C 353 -18.40 -15.67 -17.57
C ASN C 353 -19.66 -14.97 -17.05
N MET C 354 -19.60 -14.44 -15.83
CA MET C 354 -20.72 -13.65 -15.31
C MET C 354 -20.95 -12.40 -16.15
N PHE C 355 -19.89 -11.86 -16.74
CA PHE C 355 -19.96 -10.62 -17.52
C PHE C 355 -20.33 -10.86 -18.97
N LEU C 356 -20.51 -12.12 -19.37
CA LEU C 356 -20.75 -12.43 -20.78
C LEU C 356 -22.05 -11.81 -21.28
N LYS C 357 -23.02 -11.60 -20.39
CA LYS C 357 -24.31 -11.06 -20.79
C LYS C 357 -24.32 -9.54 -20.94
N TRP C 358 -23.29 -8.85 -20.46
CA TRP C 358 -23.27 -7.39 -20.45
C TRP C 358 -22.23 -6.81 -21.41
N ILE C 359 -21.71 -7.63 -22.34
CA ILE C 359 -20.69 -7.13 -23.25
C ILE C 359 -21.26 -6.05 -24.17
N GLU C 360 -22.35 -6.37 -24.86
CA GLU C 360 -22.88 -5.44 -25.85
C GLU C 360 -23.43 -4.18 -25.18
N THR C 361 -24.07 -4.32 -24.03
CA THR C 361 -24.63 -3.16 -23.34
C THR C 361 -23.52 -2.25 -22.83
N LEU C 362 -22.45 -2.83 -22.27
CA LEU C 362 -21.35 -2.02 -21.77
C LEU C 362 -20.60 -1.35 -22.91
N ILE C 363 -20.47 -2.02 -24.05
CA ILE C 363 -19.84 -1.39 -25.20
C ILE C 363 -20.69 -0.24 -25.72
N GLY C 364 -22.01 -0.42 -25.72
CA GLY C 364 -22.88 0.66 -26.16
C GLY C 364 -22.85 1.85 -25.20
N ILE C 365 -22.75 1.58 -23.91
CA ILE C 365 -22.61 2.66 -22.94
C ILE C 365 -21.27 3.37 -23.15
N ALA C 366 -20.21 2.61 -23.43
CA ALA C 366 -18.89 3.23 -23.58
C ALA C 366 -18.73 4.01 -24.87
N LYS C 367 -19.57 3.72 -25.88
CA LYS C 367 -19.40 4.41 -27.16
C LYS C 367 -19.99 5.82 -27.13
N ASN C 368 -21.20 5.99 -26.61
CA ASN C 368 -21.85 7.30 -26.56
C ASN C 368 -22.15 7.64 -25.10
N GLU C 369 -21.17 8.22 -24.42
CA GLU C 369 -21.34 8.68 -23.05
C GLU C 369 -20.27 9.70 -22.70
N GLU C 375 -18.27 15.37 -17.89
CA GLU C 375 -17.07 14.65 -17.46
C GLU C 375 -17.44 13.29 -16.88
N SER C 376 -18.50 13.27 -16.07
CA SER C 376 -18.95 12.02 -15.47
C SER C 376 -19.39 11.02 -16.53
N LYS C 377 -19.95 11.49 -17.64
CA LYS C 377 -20.32 10.59 -18.72
C LYS C 377 -19.08 9.93 -19.34
N SER C 378 -18.04 10.72 -19.58
CA SER C 378 -16.80 10.15 -20.10
C SER C 378 -16.17 9.20 -19.10
N SER C 379 -16.28 9.49 -17.80
CA SER C 379 -15.73 8.58 -16.81
C SER C 379 -16.50 7.26 -16.78
N PHE C 380 -17.83 7.32 -16.90
CA PHE C 380 -18.61 6.09 -16.93
C PHE C 380 -18.32 5.27 -18.17
N GLY C 381 -18.10 5.95 -19.31
CA GLY C 381 -17.73 5.23 -20.52
C GLY C 381 -16.36 4.60 -20.42
N LEU C 382 -15.43 5.31 -19.78
CA LEU C 382 -14.10 4.74 -19.55
C LEU C 382 -14.16 3.54 -18.63
N GLU C 383 -15.01 3.58 -17.60
CA GLU C 383 -15.13 2.45 -16.70
C GLU C 383 -15.76 1.24 -17.41
N CYS C 384 -16.75 1.48 -18.26
CA CYS C 384 -17.33 0.37 -19.01
C CYS C 384 -16.33 -0.21 -20.00
N MET C 385 -15.53 0.65 -20.64
CA MET C 385 -14.53 0.16 -21.56
C MET C 385 -13.46 -0.65 -20.85
N GLY C 386 -13.10 -0.25 -19.63
CA GLY C 386 -12.14 -1.01 -18.85
C GLY C 386 -12.71 -2.32 -18.35
N THR C 387 -14.01 -2.34 -18.04
CA THR C 387 -14.65 -3.59 -17.67
C THR C 387 -14.68 -4.57 -18.84
N VAL C 388 -15.01 -4.09 -20.04
CA VAL C 388 -15.02 -4.95 -21.21
C VAL C 388 -13.61 -5.41 -21.59
N ALA C 389 -12.60 -4.54 -21.42
CA ALA C 389 -11.24 -4.88 -21.80
C ALA C 389 -10.61 -5.94 -20.92
N GLU C 390 -11.04 -6.06 -19.66
CA GLU C 390 -10.44 -7.02 -18.74
C GLU C 390 -10.79 -8.46 -19.09
N LEU C 391 -11.85 -8.68 -19.86
CA LEU C 391 -12.31 -10.04 -20.17
C LEU C 391 -11.55 -10.61 -21.36
N LYS C 392 -11.24 -11.91 -21.28
CA LYS C 392 -10.61 -12.63 -22.37
C LYS C 392 -11.32 -13.93 -22.73
N VAL C 393 -12.32 -14.35 -21.96
CA VAL C 393 -13.11 -15.54 -22.28
C VAL C 393 -14.28 -15.23 -23.20
N ALA C 394 -14.49 -13.95 -23.54
CA ALA C 394 -15.61 -13.57 -24.39
C ALA C 394 -15.39 -14.05 -25.83
N PRO C 395 -16.48 -14.23 -26.60
CA PRO C 395 -16.30 -14.66 -27.99
C PRO C 395 -15.46 -13.70 -28.82
N TRP C 396 -15.56 -12.40 -28.57
CA TRP C 396 -14.79 -11.36 -29.24
C TRP C 396 -14.90 -11.41 -30.76
N ALA C 397 -14.75 -12.60 -31.37
CA ALA C 397 -14.89 -12.70 -32.82
C ALA C 397 -16.29 -12.32 -33.27
N LYS C 398 -17.30 -12.60 -32.44
CA LYS C 398 -18.67 -12.20 -32.77
C LYS C 398 -18.94 -10.74 -32.39
N ILE C 399 -18.47 -10.32 -31.21
CA ILE C 399 -18.76 -8.97 -30.73
C ILE C 399 -18.06 -7.92 -31.59
N ILE C 400 -16.89 -8.23 -32.14
CA ILE C 400 -16.10 -7.24 -32.86
C ILE C 400 -16.79 -6.78 -34.14
N GLN C 401 -17.67 -7.61 -34.70
CA GLN C 401 -18.43 -7.24 -35.89
C GLN C 401 -19.89 -6.92 -35.59
N SER C 402 -20.51 -7.62 -34.64
CA SER C 402 -21.89 -7.32 -34.27
C SER C 402 -22.03 -5.95 -33.62
N GLU C 403 -20.97 -5.43 -33.02
CA GLU C 403 -20.97 -4.11 -32.39
C GLU C 403 -20.22 -3.06 -33.18
N ASN C 404 -19.69 -3.40 -34.36
CA ASN C 404 -18.97 -2.46 -35.21
C ASN C 404 -17.82 -1.80 -34.47
N LEU C 405 -17.06 -2.60 -33.71
CA LEU C 405 -15.97 -2.05 -32.92
C LEU C 405 -14.85 -1.48 -33.78
N VAL C 406 -14.60 -2.06 -34.96
CA VAL C 406 -13.47 -1.62 -35.78
C VAL C 406 -13.57 -0.17 -36.22
N PRO C 407 -14.67 0.29 -36.84
CA PRO C 407 -14.74 1.72 -37.21
C PRO C 407 -14.62 2.65 -36.02
N TRP C 408 -15.18 2.26 -34.87
CA TRP C 408 -15.16 3.14 -33.71
C TRP C 408 -13.75 3.23 -33.13
N MET C 409 -13.05 2.09 -33.07
CA MET C 409 -11.68 2.10 -32.59
C MET C 409 -10.76 2.88 -33.54
N LYS C 410 -10.97 2.73 -34.85
CA LYS C 410 -10.16 3.50 -35.79
C LYS C 410 -10.45 4.99 -35.68
N THR C 411 -11.71 5.36 -35.38
CA THR C 411 -12.03 6.77 -35.21
C THR C 411 -11.42 7.33 -33.94
N GLN C 412 -11.46 6.56 -32.85
CA GLN C 412 -10.95 7.07 -31.58
C GLN C 412 -9.43 7.13 -31.57
N LEU C 413 -8.77 6.08 -32.08
CA LEU C 413 -7.31 6.07 -32.10
C LEU C 413 -6.74 7.14 -33.03
N GLN C 414 -7.43 7.43 -34.13
CA GLN C 414 -6.93 8.47 -35.05
C GLN C 414 -7.21 9.88 -34.56
N GLU C 415 -8.18 10.07 -33.67
CA GLU C 415 -8.44 11.39 -33.12
C GLU C 415 -7.26 11.81 -32.24
N GLY C 416 -6.69 12.97 -32.51
CA GLY C 416 -5.49 13.42 -31.85
C GLY C 416 -4.17 12.95 -32.42
N ILE C 417 -4.17 12.33 -33.60
CA ILE C 417 -2.92 11.88 -34.22
C ILE C 417 -2.16 13.07 -34.80
N ASP C 418 -0.84 12.90 -34.94
CA ASP C 418 0.04 13.89 -35.57
C ASP C 418 -0.04 15.24 -34.87
N GLU C 419 0.15 15.22 -33.55
CA GLU C 419 0.08 16.44 -32.76
C GLU C 419 1.33 16.71 -31.92
N SER C 420 2.31 15.80 -31.93
CA SER C 420 3.46 15.82 -31.04
C SER C 420 3.00 15.73 -29.59
N GLU C 421 3.53 14.74 -28.86
CA GLU C 421 2.96 14.37 -27.57
C GLU C 421 2.95 15.54 -26.61
N GLU C 422 3.87 16.49 -26.80
CA GLU C 422 4.01 17.69 -26.00
C GLU C 422 2.67 18.33 -25.65
N VAL C 423 1.82 18.59 -26.65
CA VAL C 423 0.55 19.24 -26.38
C VAL C 423 -0.62 18.27 -26.27
N THR C 424 -0.49 17.05 -26.80
CA THR C 424 -1.62 16.14 -26.93
C THR C 424 -1.54 14.91 -26.04
N VAL C 425 -0.50 14.77 -25.22
CA VAL C 425 -0.41 13.62 -24.32
C VAL C 425 -1.17 13.83 -23.02
N LEU C 426 -1.69 15.03 -22.76
CA LEU C 426 -2.50 15.31 -21.59
C LEU C 426 -3.98 15.45 -21.93
N ARG C 427 -4.39 14.94 -23.09
CA ARG C 427 -5.77 15.07 -23.55
C ARG C 427 -6.72 14.19 -22.74
N ASP C 428 -7.99 14.61 -22.70
CA ASP C 428 -9.03 13.82 -22.05
C ASP C 428 -9.29 12.51 -22.79
N ILE C 429 -9.08 12.48 -24.11
CA ILE C 429 -9.29 11.26 -24.89
C ILE C 429 -8.20 10.23 -24.69
N LYS C 430 -7.06 10.64 -24.12
CA LYS C 430 -5.91 9.73 -24.02
C LYS C 430 -6.21 8.45 -23.23
N PRO C 431 -6.81 8.50 -22.02
CA PRO C 431 -7.06 7.24 -21.31
C PRO C 431 -7.97 6.27 -22.06
N LEU C 432 -8.94 6.78 -22.81
CA LEU C 432 -9.79 5.89 -23.60
C LEU C 432 -9.00 5.18 -24.67
N GLN C 433 -8.00 5.86 -25.26
CA GLN C 433 -7.14 5.20 -26.22
C GLN C 433 -6.32 4.09 -25.58
N LEU C 434 -5.92 4.28 -24.32
CA LEU C 434 -5.20 3.22 -23.62
C LEU C 434 -6.10 2.02 -23.37
N GLN C 435 -7.36 2.28 -22.98
CA GLN C 435 -8.29 1.18 -22.81
C GLN C 435 -8.57 0.46 -24.13
N ILE C 436 -8.60 1.21 -25.23
CA ILE C 436 -8.82 0.59 -26.54
C ILE C 436 -7.64 -0.28 -26.92
N VAL C 437 -6.41 0.18 -26.65
CA VAL C 437 -5.24 -0.63 -26.96
C VAL C 437 -5.20 -1.89 -26.09
N ILE C 438 -5.60 -1.76 -24.81
CA ILE C 438 -5.62 -2.93 -23.94
C ILE C 438 -6.69 -3.92 -24.40
N ALA C 439 -7.83 -3.42 -24.86
CA ALA C 439 -8.86 -4.32 -25.37
C ALA C 439 -8.43 -4.99 -26.66
N CYS C 440 -7.69 -4.27 -27.53
CA CYS C 440 -7.17 -4.89 -28.73
C CYS C 440 -6.15 -5.96 -28.41
N GLY C 441 -5.34 -5.77 -27.36
CA GLY C 441 -4.39 -6.79 -26.97
C GLY C 441 -5.06 -8.01 -26.36
N THR C 442 -6.08 -7.78 -25.53
CA THR C 442 -6.83 -8.90 -24.94
C THR C 442 -7.69 -9.60 -25.98
N MET C 443 -8.01 -8.92 -27.08
CA MET C 443 -8.85 -9.48 -28.12
C MET C 443 -8.07 -10.19 -29.22
N ALA C 444 -6.85 -9.74 -29.51
CA ALA C 444 -6.09 -10.25 -30.64
C ALA C 444 -5.50 -11.64 -30.39
N ARG C 445 -5.57 -12.14 -29.16
CA ARG C 445 -5.08 -13.49 -28.87
C ARG C 445 -5.90 -14.56 -29.59
N GLN C 446 -7.14 -14.28 -29.96
CA GLN C 446 -7.93 -15.20 -30.76
C GLN C 446 -7.71 -14.91 -32.24
N LEU C 447 -7.65 -15.98 -33.05
CA LEU C 447 -7.28 -15.83 -34.45
C LEU C 447 -8.33 -15.09 -35.26
N ASP C 448 -9.62 -15.37 -35.00
CA ASP C 448 -10.66 -14.68 -35.74
C ASP C 448 -10.68 -13.19 -35.42
N ALA C 449 -10.55 -12.86 -34.14
CA ALA C 449 -10.48 -11.44 -33.76
C ALA C 449 -9.23 -10.78 -34.30
N ALA C 450 -8.12 -11.53 -34.43
CA ALA C 450 -6.91 -10.95 -35.01
C ALA C 450 -7.10 -10.65 -36.48
N ARG C 451 -7.73 -11.57 -37.22
CA ARG C 451 -8.00 -11.30 -38.63
C ARG C 451 -9.01 -10.16 -38.79
N LEU C 452 -9.91 -9.98 -37.82
CA LEU C 452 -10.84 -8.86 -37.88
C LEU C 452 -10.15 -7.53 -37.55
N LEU C 453 -9.18 -7.56 -36.63
CA LEU C 453 -8.42 -6.37 -36.27
C LEU C 453 -7.27 -6.06 -37.22
N ALA C 454 -7.02 -6.95 -38.18
CA ALA C 454 -5.95 -6.76 -39.15
C ALA C 454 -5.93 -5.39 -39.84
N PRO C 455 -7.07 -4.83 -40.30
CA PRO C 455 -7.00 -3.53 -40.96
C PRO C 455 -6.64 -2.37 -40.03
N LEU C 456 -6.30 -2.66 -38.78
CA LEU C 456 -5.88 -1.63 -37.83
C LEU C 456 -4.37 -1.61 -37.59
N ILE C 457 -3.61 -2.46 -38.29
CA ILE C 457 -2.16 -2.56 -38.04
C ILE C 457 -1.46 -1.28 -38.44
N ASP C 458 -1.88 -0.65 -39.55
CA ASP C 458 -1.25 0.60 -39.96
C ASP C 458 -1.54 1.72 -38.97
N THR C 459 -2.74 1.73 -38.40
CA THR C 459 -3.06 2.70 -37.36
C THR C 459 -2.20 2.47 -36.12
N PHE C 460 -2.00 1.20 -35.75
CA PHE C 460 -1.14 0.91 -34.61
C PHE C 460 0.30 1.33 -34.88
N VAL C 461 0.76 1.21 -36.13
CA VAL C 461 2.13 1.59 -36.46
C VAL C 461 2.30 3.10 -36.39
N GLN C 462 1.34 3.85 -36.94
CA GLN C 462 1.41 5.30 -36.84
C GLN C 462 1.37 5.75 -35.38
N LEU C 463 0.50 5.14 -34.59
CA LEU C 463 0.39 5.50 -33.18
C LEU C 463 1.66 5.14 -32.41
N LEU C 464 2.33 4.05 -32.78
CA LEU C 464 3.57 3.68 -32.13
C LEU C 464 4.69 4.64 -32.48
N GLN C 465 4.78 5.07 -33.74
CA GLN C 465 5.77 6.07 -34.10
C GLN C 465 5.46 7.43 -33.49
N SER C 466 4.19 7.70 -33.18
CA SER C 466 3.82 9.00 -32.59
C SER C 466 3.99 9.00 -31.08
N CYS C 467 3.14 8.27 -30.36
CA CYS C 467 3.06 8.38 -28.91
C CYS C 467 4.17 7.57 -28.27
N GLN C 468 5.19 8.26 -27.74
CA GLN C 468 6.35 7.60 -27.16
C GLN C 468 6.74 8.11 -25.77
N ILE C 469 6.21 9.25 -25.33
CA ILE C 469 6.65 9.82 -24.06
C ILE C 469 6.24 8.95 -22.88
N ASP C 470 5.12 8.23 -22.98
CA ASP C 470 4.66 7.35 -21.90
C ASP C 470 5.04 5.91 -22.20
N ASP C 471 5.73 5.27 -21.25
CA ASP C 471 6.15 3.89 -21.43
C ASP C 471 4.98 2.91 -21.48
N GLU C 472 3.88 3.23 -20.78
CA GLU C 472 2.79 2.26 -20.68
C GLU C 472 2.05 2.10 -22.01
N PHE C 473 1.86 3.20 -22.74
CA PHE C 473 1.21 3.10 -24.04
C PHE C 473 2.07 2.28 -25.01
N VAL C 474 3.39 2.47 -24.96
CA VAL C 474 4.28 1.70 -25.80
C VAL C 474 4.25 0.22 -25.40
N VAL C 475 4.15 -0.04 -24.10
CA VAL C 475 4.14 -1.43 -23.64
C VAL C 475 2.88 -2.13 -24.12
N GLN C 476 1.72 -1.47 -23.99
CA GLN C 476 0.48 -2.11 -24.45
C GLN C 476 0.44 -2.24 -25.97
N LEU C 477 1.02 -1.28 -26.71
CA LEU C 477 1.03 -1.42 -28.17
C LEU C 477 1.93 -2.58 -28.60
N LEU C 478 3.10 -2.70 -27.96
CA LEU C 478 3.97 -3.83 -28.26
C LEU C 478 3.35 -5.14 -27.82
N TYR C 479 2.54 -5.13 -26.75
CA TYR C 479 1.82 -6.35 -26.37
C TYR C 479 0.79 -6.73 -27.42
N VAL C 480 0.14 -5.74 -28.03
CA VAL C 480 -0.78 -6.03 -29.13
C VAL C 480 -0.02 -6.62 -30.31
N PHE C 481 1.14 -6.07 -30.62
CA PHE C 481 1.95 -6.60 -31.71
C PHE C 481 2.42 -8.02 -31.42
N LEU C 482 2.76 -8.30 -30.15
CA LEU C 482 3.19 -9.63 -29.77
C LEU C 482 2.03 -10.62 -29.89
N GLN C 483 0.82 -10.20 -29.54
CA GLN C 483 -0.34 -11.05 -29.75
C GLN C 483 -0.58 -11.29 -31.23
N PHE C 484 -0.26 -10.30 -32.08
CA PHE C 484 -0.40 -10.50 -33.51
C PHE C 484 0.67 -11.42 -34.09
N LEU C 485 1.91 -11.31 -33.60
CA LEU C 485 3.00 -12.07 -34.18
C LEU C 485 2.86 -13.58 -33.94
N LYS C 486 2.23 -13.97 -32.84
CA LYS C 486 2.09 -15.39 -32.53
C LYS C 486 1.16 -16.12 -33.50
N HIS C 487 0.24 -15.42 -34.15
CA HIS C 487 -0.64 -16.05 -35.12
C HIS C 487 0.11 -16.29 -36.42
N LYS C 488 0.09 -17.55 -36.89
CA LYS C 488 0.81 -17.89 -38.12
C LYS C 488 0.22 -17.23 -39.34
N GLU C 489 -1.11 -17.02 -39.38
CA GLU C 489 -1.74 -16.45 -40.56
C GLU C 489 -1.31 -15.02 -40.82
N LEU C 490 -1.04 -14.25 -39.76
CA LEU C 490 -0.66 -12.85 -39.91
C LEU C 490 0.75 -12.59 -39.40
N SER C 491 1.54 -13.63 -39.13
CA SER C 491 2.88 -13.43 -38.60
C SER C 491 3.83 -12.90 -39.67
N ALA C 492 3.83 -13.51 -40.86
CA ALA C 492 4.72 -13.06 -41.92
C ALA C 492 4.33 -11.70 -42.46
N ARG C 493 3.08 -11.28 -42.26
CA ARG C 493 2.63 -9.97 -42.71
C ARG C 493 3.39 -8.85 -42.02
N LEU C 494 3.85 -9.07 -40.79
CA LEU C 494 4.59 -8.06 -40.04
C LEU C 494 6.09 -8.26 -40.06
N MET C 495 6.58 -9.39 -40.58
CA MET C 495 8.00 -9.74 -40.51
C MET C 495 8.73 -9.52 -41.83
N THR C 496 8.45 -8.40 -42.50
CA THR C 496 9.19 -8.04 -43.69
C THR C 496 10.61 -7.60 -43.33
N GLN C 497 11.52 -7.72 -44.30
CA GLN C 497 12.93 -7.44 -44.05
C GLN C 497 13.15 -6.00 -43.59
N ASP C 498 12.30 -5.07 -44.02
CA ASP C 498 12.42 -3.69 -43.58
C ASP C 498 11.17 -3.27 -42.82
N SER C 499 10.79 -4.05 -41.81
CA SER C 499 9.60 -3.76 -41.04
C SER C 499 9.83 -2.58 -40.10
N ALA C 500 8.90 -1.62 -40.13
CA ALA C 500 8.99 -0.49 -39.21
C ALA C 500 8.83 -0.94 -37.77
N LEU C 501 7.99 -1.96 -37.54
CA LEU C 501 7.86 -2.50 -36.19
C LEU C 501 9.15 -3.15 -35.73
N GLY C 502 9.87 -3.81 -36.65
CA GLY C 502 11.12 -4.43 -36.26
C GLY C 502 12.20 -3.42 -35.98
N ALA C 503 12.25 -2.34 -36.76
CA ALA C 503 13.22 -1.28 -36.48
C ALA C 503 12.89 -0.58 -35.16
N HIS C 504 11.61 -0.37 -34.88
CA HIS C 504 11.22 0.29 -33.64
C HIS C 504 11.54 -0.59 -32.43
N MET C 505 11.34 -1.91 -32.56
CA MET C 505 11.70 -2.80 -31.47
C MET C 505 13.21 -2.88 -31.28
N ILE C 506 13.96 -2.82 -32.38
CA ILE C 506 15.42 -2.82 -32.27
C ILE C 506 15.89 -1.56 -31.54
N ASP C 507 15.19 -0.43 -31.77
CA ASP C 507 15.53 0.79 -31.06
C ASP C 507 15.11 0.74 -29.60
N LEU C 508 13.95 0.11 -29.31
CA LEU C 508 13.43 0.03 -27.96
C LEU C 508 14.10 -1.07 -27.13
N MET C 509 14.95 -1.89 -27.75
CA MET C 509 15.60 -2.97 -27.02
C MET C 509 16.46 -2.44 -25.88
N HIS C 510 16.98 -1.22 -26.00
CA HIS C 510 17.81 -0.63 -24.95
C HIS C 510 17.10 0.54 -24.28
N ASP C 511 15.96 0.28 -23.66
CA ASP C 511 15.17 1.31 -23.00
C ASP C 511 15.34 1.24 -21.48
N ALA C 512 15.03 2.36 -20.82
CA ALA C 512 15.20 2.43 -19.37
C ALA C 512 14.21 1.52 -18.64
N ASN C 513 12.96 1.48 -19.09
CA ASN C 513 11.98 0.61 -18.45
C ASN C 513 12.35 -0.86 -18.70
N ALA C 514 12.21 -1.67 -17.66
CA ALA C 514 12.52 -3.09 -17.79
C ALA C 514 11.39 -3.85 -18.48
N VAL C 515 10.14 -3.48 -18.20
CA VAL C 515 9.01 -4.21 -18.76
C VAL C 515 8.95 -4.02 -20.28
N VAL C 516 9.31 -2.83 -20.77
CA VAL C 516 9.22 -2.60 -22.21
C VAL C 516 10.25 -3.44 -22.94
N ARG C 517 11.46 -3.57 -22.40
CA ARG C 517 12.42 -4.45 -23.03
C ARG C 517 12.10 -5.92 -22.79
N GLU C 518 11.37 -6.25 -21.73
CA GLU C 518 10.93 -7.63 -21.55
C GLU C 518 9.96 -8.04 -22.65
N VAL C 519 8.92 -7.23 -22.88
CA VAL C 519 7.99 -7.53 -23.96
C VAL C 519 8.68 -7.39 -25.32
N CYS C 520 9.66 -6.50 -25.43
CA CYS C 520 10.38 -6.34 -26.68
C CYS C 520 11.21 -7.59 -27.00
N ASP C 521 11.87 -8.17 -26.00
CA ASP C 521 12.56 -9.43 -26.21
C ASP C 521 11.57 -10.56 -26.48
N ASN C 522 10.42 -10.53 -25.82
CA ASN C 522 9.40 -11.55 -26.05
C ASN C 522 8.85 -11.51 -27.46
N ALA C 523 8.92 -10.37 -28.13
CA ALA C 523 8.57 -10.32 -29.55
C ALA C 523 9.79 -10.56 -30.45
N LEU C 524 10.98 -10.11 -30.04
CA LEU C 524 12.16 -10.26 -30.89
C LEU C 524 12.58 -11.72 -31.02
N LEU C 525 12.42 -12.51 -29.96
CA LEU C 525 12.79 -13.91 -30.06
C LEU C 525 11.77 -14.73 -30.84
N ILE C 526 10.58 -14.17 -31.06
CA ILE C 526 9.64 -14.75 -32.01
C ILE C 526 9.99 -14.32 -33.44
N MET C 527 10.37 -13.05 -33.62
CA MET C 527 10.73 -12.59 -34.95
C MET C 527 11.98 -13.28 -35.46
N GLY C 528 12.92 -13.59 -34.58
CA GLY C 528 14.10 -14.32 -34.97
C GLY C 528 13.94 -15.82 -35.05
N GLU C 529 12.86 -16.36 -34.50
CA GLU C 529 12.63 -17.80 -34.57
C GLU C 529 12.21 -18.22 -35.99
N HIS C 530 11.39 -17.41 -36.64
CA HIS C 530 10.89 -17.70 -37.98
C HIS C 530 11.67 -16.98 -39.07
N SER C 531 12.79 -16.33 -38.73
CA SER C 531 13.61 -15.64 -39.71
C SER C 531 15.04 -15.61 -39.20
N LYS C 532 15.93 -16.36 -39.86
CA LYS C 532 17.32 -16.44 -39.44
C LYS C 532 18.04 -15.10 -39.59
N GLU C 533 17.70 -14.32 -40.62
CA GLU C 533 18.37 -13.03 -40.80
C GLU C 533 17.97 -12.05 -39.70
N TRP C 534 16.69 -12.08 -39.28
CA TRP C 534 16.28 -11.22 -38.19
C TRP C 534 16.99 -11.59 -36.89
N ALA C 535 17.25 -12.88 -36.69
CA ALA C 535 18.01 -13.30 -35.51
C ALA C 535 19.43 -12.76 -35.57
N LYS C 536 20.02 -12.71 -36.75
CA LYS C 536 21.37 -12.16 -36.88
C LYS C 536 21.39 -10.67 -36.60
N ARG C 537 20.39 -9.94 -37.09
CA ARG C 537 20.34 -8.50 -36.81
C ARG C 537 20.10 -8.23 -35.33
N ILE C 538 19.26 -9.04 -34.69
CA ILE C 538 19.00 -8.85 -33.26
C ILE C 538 20.25 -9.16 -32.45
N ALA C 539 20.95 -10.24 -32.78
CA ALA C 539 22.17 -10.57 -32.06
C ALA C 539 23.26 -9.52 -32.27
N GLY C 540 23.31 -8.94 -33.47
CA GLY C 540 24.29 -7.89 -33.71
C GLY C 540 23.96 -6.62 -32.95
N GLU C 541 22.68 -6.29 -32.82
CA GLU C 541 22.30 -5.17 -31.97
C GLU C 541 22.60 -5.44 -30.50
N ARG C 542 22.37 -6.68 -30.05
CA ARG C 542 22.64 -7.01 -28.66
C ARG C 542 24.12 -6.98 -28.33
N PHE C 543 24.97 -7.38 -29.27
CA PHE C 543 26.41 -7.42 -29.00
C PHE C 543 27.08 -6.06 -29.11
N LYS C 544 26.48 -5.12 -29.84
CA LYS C 544 27.03 -3.78 -29.98
C LYS C 544 26.68 -2.87 -28.83
N TRP C 545 25.89 -3.36 -27.87
CA TRP C 545 25.52 -2.59 -26.68
C TRP C 545 26.19 -3.10 -25.42
N HIS C 546 27.05 -4.11 -25.51
CA HIS C 546 27.75 -4.66 -24.35
C HIS C 546 29.27 -4.68 -24.47
N ASN C 547 29.81 -4.77 -25.69
CA ASN C 547 31.25 -4.70 -25.96
C ASN C 547 31.61 -3.47 -26.79
N ALA C 548 30.70 -2.50 -26.85
CA ALA C 548 30.96 -1.29 -27.62
C ALA C 548 32.18 -0.54 -27.10
N GLN C 549 32.50 -0.68 -25.81
CA GLN C 549 33.73 -0.08 -25.30
C GLN C 549 34.95 -0.69 -25.97
N TRP C 550 34.94 -2.01 -26.19
CA TRP C 550 36.05 -2.63 -26.90
C TRP C 550 36.10 -2.18 -28.35
N LEU C 551 34.93 -2.04 -28.99
CA LEU C 551 34.96 -1.56 -30.37
C LEU C 551 35.50 -0.14 -30.45
N GLU C 552 35.15 0.71 -29.48
CA GLU C 552 35.62 2.09 -29.50
C GLU C 552 37.12 2.16 -29.22
N MET C 553 37.60 1.39 -28.24
CA MET C 553 39.02 1.41 -27.93
C MET C 553 39.87 0.82 -29.05
N VAL C 554 39.33 -0.15 -29.79
CA VAL C 554 40.11 -0.69 -30.90
C VAL C 554 40.05 0.25 -32.11
N GLU C 555 38.98 1.03 -32.25
CA GLU C 555 38.98 2.07 -33.29
C GLU C 555 39.95 3.19 -32.95
N ARG C 556 40.04 3.58 -31.67
CA ARG C 556 41.05 4.55 -31.26
C ARG C 556 42.46 3.99 -31.41
N ASP C 557 42.64 2.68 -31.23
CA ASP C 557 43.95 2.07 -31.43
C ASP C 557 44.37 2.09 -32.89
N ASP C 558 43.41 1.98 -33.80
CA ASP C 558 43.73 1.93 -35.23
C ASP C 558 44.08 3.31 -35.76
#